data_3KSE
#
_entry.id   3KSE
#
_cell.length_a   35.233
_cell.length_b   83.948
_cell.length_c   83.906
_cell.angle_alpha   118.07
_cell.angle_beta   98.04
_cell.angle_gamma   98.04
#
_symmetry.space_group_name_H-M   'P 1'
#
loop_
_entity.id
_entity.type
_entity.pdbx_description
1 polymer 'Cathepsin L1'
2 polymer Cystatin-A
3 water water
#
loop_
_entity_poly.entity_id
_entity_poly.type
_entity_poly.pdbx_seq_one_letter_code
_entity_poly.pdbx_strand_id
1 'polypeptide(L)'
;APRSVDWREKGYVTPVKNQGQCGS(SCH)WAFSATGALEGQMFRKTGRLISLSEQNLVDCSGPQGNEGCNGGLMDYAFQY
VQDNGGLDSEESYPYEATEESCKYNPKYSVANDAGFVDIPKQEKALMKAVATVGPISVAIDAGHESFLFYKEGIYFEPDC
SSEDMDHGVLVVGYGFESTESDDNKYWLVKNSWGEEWGMGGYVKMAKDRRNHCGIASAASYPTV
;
A,B,C
2 'polypeptide(L)'
;MIPGGLSEAKPATPEIQEIVDKVKPQLEEKTNETYGKLEAVQYKTQVVAGTNYYIKVRAGDNKYMHLKVFKSLPGQNEDL
VLTGYQVDKNKDDELTGF
;
D,E,F
#
# COMPACT_ATOMS: atom_id res chain seq x y z
N ALA A 1 -27.46 8.10 21.37
CA ALA A 1 -27.92 8.12 19.98
C ALA A 1 -29.27 8.81 19.74
N PRO A 2 -30.34 8.40 20.46
CA PRO A 2 -31.71 8.93 20.37
C PRO A 2 -31.84 10.38 19.92
N ARG A 3 -33.05 10.81 19.58
CA ARG A 3 -34.31 10.08 19.59
C ARG A 3 -34.58 9.40 18.22
N SER A 4 -33.72 9.72 17.27
CA SER A 4 -33.87 9.16 15.92
C SER A 4 -32.54 8.55 15.48
N VAL A 5 -32.61 7.49 14.66
CA VAL A 5 -31.40 6.79 14.20
C VAL A 5 -31.64 6.47 12.71
N ASP A 6 -30.65 6.75 11.85
CA ASP A 6 -30.83 6.36 10.43
C ASP A 6 -29.43 5.99 9.93
N TRP A 7 -29.10 4.69 9.93
CA TRP A 7 -27.76 4.23 9.59
C TRP A 7 -27.39 4.62 8.13
N ARG A 8 -28.36 4.92 7.28
CA ARG A 8 -28.08 5.32 5.89
C ARG A 8 -27.18 6.56 5.94
N GLU A 9 -27.36 7.41 6.95
CA GLU A 9 -26.59 8.68 7.02
C GLU A 9 -25.14 8.45 7.33
N LYS A 10 -24.80 7.31 7.88
CA LYS A 10 -23.42 7.06 8.26
C LYS A 10 -22.71 6.11 7.26
N GLY A 11 -23.42 5.71 6.18
CA GLY A 11 -22.84 4.92 5.07
C GLY A 11 -22.87 3.42 5.29
N TYR A 12 -23.72 2.96 6.22
CA TYR A 12 -23.80 1.53 6.54
C TYR A 12 -24.68 0.71 5.59
N VAL A 13 -25.45 1.38 4.74
CA VAL A 13 -26.47 0.70 3.94
C VAL A 13 -26.32 0.90 2.43
N THR A 14 -26.40 -0.25 1.75
CA THR A 14 -26.33 -0.27 0.26
C THR A 14 -27.68 0.15 -0.30
N PRO A 15 -27.73 0.52 -1.58
CA PRO A 15 -29.00 0.91 -2.24
C PRO A 15 -29.97 -0.26 -2.20
N VAL A 16 -31.24 0.09 -2.32
CA VAL A 16 -32.28 -0.94 -2.28
C VAL A 16 -32.16 -1.92 -3.46
N LYS A 17 -32.38 -3.19 -3.16
CA LYS A 17 -32.27 -4.25 -4.15
C LYS A 17 -33.66 -4.80 -4.45
N ASN A 18 -33.75 -5.80 -5.30
CA ASN A 18 -35.04 -6.33 -5.68
C ASN A 18 -34.99 -7.83 -5.80
N GLN A 19 -35.66 -8.52 -4.90
CA GLN A 19 -35.70 -9.97 -4.89
C GLN A 19 -36.53 -10.56 -6.05
N GLY A 20 -37.38 -9.75 -6.64
CA GLY A 20 -38.19 -10.25 -7.73
C GLY A 20 -39.19 -11.31 -7.29
N GLN A 21 -39.38 -12.30 -8.13
CA GLN A 21 -40.37 -13.32 -7.90
C GLN A 21 -39.95 -14.50 -7.04
N CYS A 22 -38.73 -14.46 -6.56
CA CYS A 22 -38.15 -15.49 -5.71
C CYS A 22 -38.32 -15.19 -4.23
N GLY A 23 -38.70 -16.20 -3.46
CA GLY A 23 -38.89 -16.03 -2.04
C GLY A 23 -37.56 -16.03 -1.29
N SER A 24 -36.74 -15.02 -1.59
CA SER A 24 -35.44 -14.88 -1.04
C SER A 24 -35.25 -13.66 -0.14
N TRP A 26 -35.26 -13.33 2.93
CA TRP A 26 -34.38 -13.73 3.99
C TRP A 26 -32.91 -13.50 3.62
N ALA A 27 -32.56 -13.72 2.38
CA ALA A 27 -31.13 -13.54 1.93
C ALA A 27 -30.81 -12.05 1.82
N PHE A 28 -31.80 -11.25 1.34
CA PHE A 28 -31.58 -9.81 1.32
C PHE A 28 -31.51 -9.21 2.69
N SER A 29 -32.30 -9.72 3.62
CA SER A 29 -32.25 -9.19 4.98
C SER A 29 -30.89 -9.53 5.60
N ALA A 30 -30.41 -10.76 5.36
CA ALA A 30 -29.13 -11.18 5.90
C ALA A 30 -28.01 -10.41 5.27
N THR A 31 -28.02 -10.24 3.95
CA THR A 31 -26.85 -9.45 3.41
C THR A 31 -26.93 -8.01 3.88
N GLY A 32 -28.18 -7.49 4.08
CA GLY A 32 -28.25 -6.13 4.57
C GLY A 32 -27.61 -6.01 5.94
N ALA A 33 -27.86 -6.96 6.78
CA ALA A 33 -27.28 -6.90 8.15
C ALA A 33 -25.75 -7.11 8.06
N LEU A 34 -25.32 -8.02 7.20
CA LEU A 34 -23.87 -8.28 7.11
C LEU A 34 -23.13 -7.07 6.52
N GLU A 35 -23.78 -6.41 5.56
CA GLU A 35 -23.19 -5.20 4.93
C GLU A 35 -22.93 -4.15 6.02
N GLY A 36 -23.91 -3.97 6.92
CA GLY A 36 -23.71 -2.99 8.00
C GLY A 36 -22.66 -3.47 8.97
N GLN A 37 -22.59 -4.74 9.32
CA GLN A 37 -21.59 -5.19 10.29
C GLN A 37 -20.19 -5.15 9.67
N MET A 38 -20.08 -5.52 8.40
CA MET A 38 -18.77 -5.40 7.75
C MET A 38 -18.34 -3.96 7.60
N PHE A 39 -19.30 -3.00 7.41
CA PHE A 39 -18.94 -1.62 7.35
C PHE A 39 -18.38 -1.18 8.69
N ARG A 40 -19.06 -1.56 9.78
CA ARG A 40 -18.58 -1.21 11.10
C ARG A 40 -17.16 -1.69 11.36
N LYS A 41 -16.84 -2.88 10.90
CA LYS A 41 -15.55 -3.49 11.19
C LYS A 41 -14.46 -3.18 10.19
N THR A 42 -14.80 -2.57 9.06
CA THR A 42 -13.79 -2.33 8.00
C THR A 42 -13.87 -0.93 7.41
N GLY A 43 -14.93 -0.20 7.71
CA GLY A 43 -15.08 1.12 7.12
C GLY A 43 -15.36 1.13 5.63
N ARG A 44 -15.63 -0.03 5.09
CA ARG A 44 -15.95 -0.13 3.69
C ARG A 44 -17.28 -0.81 3.42
N LEU A 45 -18.07 -0.21 2.55
CA LEU A 45 -19.36 -0.76 2.16
C LEU A 45 -19.25 -1.55 0.86
N ILE A 46 -19.52 -2.86 0.93
CA ILE A 46 -19.52 -3.72 -0.29
C ILE A 46 -20.83 -4.47 -0.37
N SER A 47 -21.50 -4.39 -1.52
CA SER A 47 -22.76 -5.13 -1.68
C SER A 47 -22.44 -6.63 -1.73
N LEU A 48 -23.17 -7.41 -0.92
CA LEU A 48 -22.93 -8.83 -0.82
C LEU A 48 -23.90 -9.64 -1.66
N SER A 49 -23.54 -10.90 -1.88
CA SER A 49 -24.33 -11.78 -2.75
C SER A 49 -25.52 -12.54 -2.15
N GLU A 50 -26.75 -12.09 -2.47
CA GLU A 50 -27.90 -12.91 -2.05
C GLU A 50 -27.88 -14.21 -2.80
N GLN A 51 -27.51 -14.17 -4.09
CA GLN A 51 -27.52 -15.44 -4.85
C GLN A 51 -26.62 -16.51 -4.23
N ASN A 52 -25.48 -16.13 -3.69
CA ASN A 52 -24.55 -17.05 -3.01
C ASN A 52 -25.33 -17.74 -1.88
N LEU A 53 -26.14 -16.98 -1.16
CA LEU A 53 -26.93 -17.55 -0.08
C LEU A 53 -28.02 -18.47 -0.58
N VAL A 54 -28.77 -18.00 -1.58
CA VAL A 54 -29.83 -18.80 -2.15
C VAL A 54 -29.31 -20.13 -2.68
N ASP A 55 -28.15 -20.12 -3.31
CA ASP A 55 -27.59 -21.31 -3.93
C ASP A 55 -26.85 -22.25 -2.99
N CYS A 56 -26.26 -21.71 -1.94
CA CYS A 56 -25.43 -22.48 -1.08
C CYS A 56 -25.80 -22.76 0.35
N SER A 57 -26.79 -22.05 0.88
CA SER A 57 -27.14 -22.20 2.26
C SER A 57 -28.24 -23.20 2.60
N GLY A 58 -28.54 -24.09 1.68
CA GLY A 58 -29.52 -25.12 1.96
C GLY A 58 -29.11 -25.99 3.14
N PRO A 59 -27.83 -26.36 3.27
CA PRO A 59 -27.37 -27.19 4.38
C PRO A 59 -27.67 -26.61 5.75
N GLN A 60 -27.79 -25.30 5.83
CA GLN A 60 -28.10 -24.61 7.06
C GLN A 60 -29.60 -24.46 7.34
N GLY A 61 -30.40 -24.95 6.41
CA GLY A 61 -31.85 -24.93 6.57
C GLY A 61 -32.65 -24.08 5.62
N ASN A 62 -31.97 -23.30 4.81
CA ASN A 62 -32.68 -22.46 3.87
C ASN A 62 -33.26 -23.21 2.69
N GLU A 63 -34.29 -22.65 2.08
CA GLU A 63 -34.99 -23.28 1.01
C GLU A 63 -35.00 -22.49 -0.31
N GLY A 64 -33.88 -21.86 -0.61
CA GLY A 64 -33.76 -21.09 -1.82
C GLY A 64 -34.85 -20.06 -2.06
N CYS A 65 -35.58 -20.22 -3.16
CA CYS A 65 -36.68 -19.33 -3.50
C CYS A 65 -37.96 -19.65 -2.75
N ASN A 66 -37.93 -20.68 -1.94
CA ASN A 66 -39.08 -21.08 -1.13
C ASN A 66 -38.97 -20.72 0.32
N GLY A 67 -38.13 -19.74 0.64
CA GLY A 67 -37.99 -19.28 1.98
C GLY A 67 -36.72 -19.62 2.71
N GLY A 68 -36.52 -19.02 3.86
CA GLY A 68 -35.32 -19.26 4.64
C GLY A 68 -35.28 -18.32 5.82
N LEU A 69 -34.23 -18.39 6.61
CA LEU A 69 -34.11 -17.53 7.78
C LEU A 69 -32.79 -16.79 7.81
N MET A 70 -32.79 -15.55 8.29
CA MET A 70 -31.54 -14.79 8.31
C MET A 70 -30.49 -15.47 9.22
N ASP A 71 -30.92 -16.08 10.34
CA ASP A 71 -29.92 -16.76 11.19
C ASP A 71 -29.21 -17.89 10.41
N TYR A 72 -29.95 -18.69 9.65
CA TYR A 72 -29.35 -19.74 8.85
C TYR A 72 -28.32 -19.17 7.87
N ALA A 73 -28.63 -18.04 7.25
CA ALA A 73 -27.67 -17.44 6.36
C ALA A 73 -26.40 -17.07 7.19
N PHE A 74 -26.57 -16.44 8.36
CA PHE A 74 -25.37 -16.09 9.19
C PHE A 74 -24.62 -17.37 9.53
N GLN A 75 -25.33 -18.46 9.81
CA GLN A 75 -24.65 -19.74 10.14
C GLN A 75 -23.84 -20.21 8.93
N TYR A 76 -24.40 -20.05 7.75
CA TYR A 76 -23.70 -20.45 6.53
C TYR A 76 -22.44 -19.65 6.33
N VAL A 77 -22.50 -18.35 6.51
CA VAL A 77 -21.29 -17.53 6.31
C VAL A 77 -20.21 -18.02 7.34
N GLN A 78 -20.60 -18.30 8.57
CA GLN A 78 -19.63 -18.82 9.58
C GLN A 78 -19.05 -20.16 9.14
N ASP A 79 -19.93 -21.08 8.77
CA ASP A 79 -19.48 -22.43 8.39
C ASP A 79 -18.62 -22.52 7.14
N ASN A 80 -18.98 -21.73 6.14
CA ASN A 80 -18.31 -21.69 4.85
C ASN A 80 -17.02 -20.88 4.93
N GLY A 81 -16.93 -20.02 5.96
CA GLY A 81 -15.76 -19.16 6.11
C GLY A 81 -15.73 -17.96 5.17
N GLY A 82 -16.89 -17.60 4.62
CA GLY A 82 -16.90 -16.38 3.80
C GLY A 82 -18.23 -16.24 3.02
N LEU A 83 -18.36 -15.11 2.35
CA LEU A 83 -19.51 -14.87 1.41
C LEU A 83 -19.03 -13.96 0.30
N ASP A 84 -19.37 -14.31 -0.94
CA ASP A 84 -18.97 -13.56 -2.12
C ASP A 84 -19.70 -12.23 -2.28
N SER A 85 -18.98 -11.27 -2.83
CA SER A 85 -19.53 -10.01 -3.18
C SER A 85 -20.67 -10.22 -4.25
N GLU A 86 -21.62 -9.28 -4.27
CA GLU A 86 -22.69 -9.22 -5.29
C GLU A 86 -22.10 -9.17 -6.72
N GLU A 87 -21.05 -8.38 -6.88
CA GLU A 87 -20.49 -8.30 -8.26
C GLU A 87 -19.98 -9.61 -8.77
N SER A 88 -19.35 -10.40 -7.89
CA SER A 88 -18.77 -11.67 -8.28
C SER A 88 -19.72 -12.83 -8.37
N TYR A 89 -20.92 -12.62 -7.83
CA TYR A 89 -21.90 -13.73 -7.76
C TYR A 89 -23.26 -13.04 -7.86
N PRO A 90 -23.64 -12.70 -9.09
CA PRO A 90 -24.88 -11.96 -9.29
C PRO A 90 -26.20 -12.60 -9.08
N TYR A 91 -27.15 -11.72 -8.87
CA TYR A 91 -28.54 -12.21 -8.61
C TYR A 91 -29.31 -12.65 -9.85
N GLU A 92 -29.88 -13.85 -9.75
CA GLU A 92 -30.63 -14.45 -10.84
C GLU A 92 -32.10 -14.73 -10.52
N ALA A 93 -32.48 -14.56 -9.25
CA ALA A 93 -33.88 -14.78 -8.86
C ALA A 93 -34.47 -16.17 -9.12
N THR A 94 -33.58 -17.15 -9.08
CA THR A 94 -33.94 -18.54 -9.19
C THR A 94 -32.84 -19.31 -8.47
N GLU A 95 -33.18 -20.43 -7.85
CA GLU A 95 -32.18 -21.21 -7.15
C GLU A 95 -31.31 -22.01 -8.10
N GLU A 96 -30.01 -21.76 -8.03
CA GLU A 96 -29.04 -22.41 -8.88
C GLU A 96 -27.99 -23.19 -8.08
N SER A 97 -27.09 -23.85 -8.77
CA SER A 97 -26.06 -24.60 -8.10
C SER A 97 -25.12 -23.71 -7.32
N CYS A 98 -24.56 -24.22 -6.24
CA CYS A 98 -23.64 -23.44 -5.45
C CYS A 98 -22.35 -23.26 -6.22
N LYS A 99 -21.99 -22.02 -6.43
CA LYS A 99 -20.77 -21.63 -7.13
C LYS A 99 -19.89 -20.68 -6.30
N TYR A 100 -19.94 -20.83 -4.98
CA TYR A 100 -19.14 -19.99 -4.12
C TYR A 100 -17.67 -20.11 -4.49
N ASN A 101 -16.98 -18.98 -4.55
CA ASN A 101 -15.55 -18.92 -4.83
C ASN A 101 -14.91 -18.13 -3.71
N PRO A 102 -14.05 -18.79 -2.93
CA PRO A 102 -13.40 -18.12 -1.83
C PRO A 102 -12.54 -16.91 -2.20
N LYS A 103 -12.06 -16.88 -3.43
CA LYS A 103 -11.27 -15.76 -3.90
C LYS A 103 -12.02 -14.48 -3.84
N TYR A 104 -13.34 -14.58 -4.08
CA TYR A 104 -14.16 -13.38 -3.98
C TYR A 104 -14.96 -13.13 -2.72
N SER A 105 -14.61 -13.81 -1.64
CA SER A 105 -15.22 -13.59 -0.36
C SER A 105 -14.77 -12.23 0.13
N VAL A 106 -15.76 -11.39 0.50
CA VAL A 106 -15.48 -10.07 1.01
C VAL A 106 -16.12 -9.88 2.38
N ALA A 107 -16.68 -10.94 2.94
CA ALA A 107 -17.26 -10.76 4.26
C ALA A 107 -17.15 -12.05 5.00
N ASN A 108 -17.44 -12.01 6.28
CA ASN A 108 -17.47 -13.22 7.08
C ASN A 108 -18.04 -12.95 8.43
N ASP A 109 -18.48 -14.01 9.10
CA ASP A 109 -19.04 -13.83 10.43
C ASP A 109 -18.71 -15.01 11.31
N ALA A 110 -18.88 -14.79 12.61
CA ALA A 110 -18.60 -15.87 13.53
C ALA A 110 -19.82 -16.54 14.12
N GLY A 111 -20.99 -16.09 13.66
CA GLY A 111 -22.27 -16.53 14.14
C GLY A 111 -23.22 -15.33 14.20
N PHE A 112 -24.14 -15.34 15.18
CA PHE A 112 -25.15 -14.32 15.20
C PHE A 112 -25.71 -14.20 16.62
N VAL A 113 -26.38 -13.09 16.86
CA VAL A 113 -27.01 -12.81 18.17
C VAL A 113 -28.51 -12.57 17.96
N ASP A 114 -29.34 -13.29 18.70
CA ASP A 114 -30.77 -13.13 18.66
C ASP A 114 -31.15 -12.12 19.73
N ILE A 115 -31.87 -11.09 19.35
CA ILE A 115 -32.33 -10.05 20.21
C ILE A 115 -33.56 -10.52 20.95
N PRO A 116 -33.69 -10.18 22.25
CA PRO A 116 -34.85 -10.58 23.05
C PRO A 116 -36.09 -10.06 22.31
N LYS A 117 -37.25 -10.73 22.47
CA LYS A 117 -38.46 -10.33 21.76
C LYS A 117 -39.20 -9.15 22.34
N GLN A 118 -38.55 -8.01 22.40
CA GLN A 118 -39.13 -6.77 22.98
C GLN A 118 -38.72 -5.65 22.07
N GLU A 119 -39.65 -4.73 21.80
CA GLU A 119 -39.29 -3.54 20.95
C GLU A 119 -38.25 -2.70 21.64
N LYS A 120 -38.27 -2.74 23.01
CA LYS A 120 -37.21 -1.99 23.70
C LYS A 120 -35.82 -2.59 23.38
N ALA A 121 -35.68 -3.89 23.33
CA ALA A 121 -34.37 -4.52 23.09
C ALA A 121 -33.98 -4.24 21.64
N LEU A 122 -34.96 -4.33 20.75
CA LEU A 122 -34.70 -4.05 19.32
C LEU A 122 -34.20 -2.63 19.15
N MET A 123 -34.80 -1.65 19.87
CA MET A 123 -34.35 -0.30 19.76
C MET A 123 -32.88 -0.21 20.22
N LYS A 124 -32.58 -0.86 21.33
CA LYS A 124 -31.19 -0.82 21.83
C LYS A 124 -30.19 -1.42 20.80
N ALA A 125 -30.58 -2.51 20.15
CA ALA A 125 -29.72 -3.11 19.18
C ALA A 125 -29.57 -2.17 17.98
N VAL A 126 -30.66 -1.60 17.48
CA VAL A 126 -30.48 -0.71 16.31
C VAL A 126 -29.56 0.46 16.67
N ALA A 127 -29.73 1.03 17.86
CA ALA A 127 -28.95 2.19 18.22
C ALA A 127 -27.48 1.86 18.41
N THR A 128 -27.22 0.71 18.99
CA THR A 128 -25.86 0.36 19.34
C THR A 128 -25.07 -0.58 18.45
N VAL A 129 -25.80 -1.36 17.63
CA VAL A 129 -25.16 -2.34 16.78
C VAL A 129 -25.16 -1.91 15.29
N GLY A 130 -26.30 -1.47 14.77
CA GLY A 130 -26.34 -1.13 13.34
C GLY A 130 -27.64 -1.72 12.82
N PRO A 131 -27.81 -1.79 11.51
CA PRO A 131 -28.99 -2.36 10.90
C PRO A 131 -29.20 -3.79 11.40
N ILE A 132 -30.48 -4.14 11.68
CA ILE A 132 -30.80 -5.44 12.27
C ILE A 132 -31.76 -6.21 11.33
N SER A 133 -31.56 -7.49 11.21
CA SER A 133 -32.46 -8.29 10.42
C SER A 133 -33.69 -8.61 11.26
N VAL A 134 -34.86 -8.47 10.60
CA VAL A 134 -36.14 -8.81 11.28
C VAL A 134 -37.09 -9.48 10.34
N ALA A 135 -38.00 -10.27 10.89
CA ALA A 135 -39.09 -10.87 10.12
C ALA A 135 -40.41 -10.09 10.48
N ILE A 136 -41.26 -9.85 9.48
CA ILE A 136 -42.54 -9.17 9.73
C ILE A 136 -43.67 -9.88 8.96
N ASP A 137 -44.88 -9.62 9.47
CA ASP A 137 -46.06 -10.07 8.72
C ASP A 137 -46.27 -9.02 7.64
N ALA A 138 -45.95 -9.37 6.37
CA ALA A 138 -46.12 -8.44 5.24
C ALA A 138 -47.20 -8.95 4.30
N GLY A 139 -48.04 -9.85 4.79
CA GLY A 139 -49.00 -10.58 3.91
C GLY A 139 -50.33 -9.91 3.67
N HIS A 140 -50.40 -8.62 3.91
CA HIS A 140 -51.67 -7.96 3.69
C HIS A 140 -51.66 -7.08 2.50
N GLU A 141 -52.88 -6.85 2.00
CA GLU A 141 -53.02 -5.93 0.91
C GLU A 141 -52.46 -4.53 1.24
N SER A 142 -52.66 -4.05 2.49
CA SER A 142 -52.16 -2.71 2.87
C SER A 142 -50.65 -2.56 2.66
N PHE A 143 -49.91 -3.62 2.85
CA PHE A 143 -48.43 -3.61 2.70
C PHE A 143 -48.06 -3.52 1.20
N LEU A 144 -48.81 -4.22 0.33
CA LEU A 144 -48.50 -4.13 -1.12
C LEU A 144 -48.66 -2.66 -1.51
N PHE A 145 -49.72 -2.03 -0.96
CA PHE A 145 -50.01 -0.64 -1.40
C PHE A 145 -49.38 0.49 -0.60
N TYR A 146 -48.52 0.13 0.35
CA TYR A 146 -47.89 1.13 1.16
C TYR A 146 -47.15 2.18 0.37
N LYS A 147 -47.35 3.47 0.69
CA LYS A 147 -46.55 4.49 -0.04
C LYS A 147 -46.02 5.53 0.85
N GLU A 148 -46.79 5.88 1.87
CA GLU A 148 -46.28 6.92 2.78
C GLU A 148 -46.84 6.87 4.20
N GLY A 149 -46.21 7.67 5.05
CA GLY A 149 -46.67 7.72 6.44
C GLY A 149 -46.20 6.52 7.23
N ILE A 150 -46.82 6.30 8.36
CA ILE A 150 -46.43 5.17 9.21
C ILE A 150 -47.38 3.98 8.94
N TYR A 151 -46.82 2.86 8.48
CA TYR A 151 -47.66 1.71 8.30
C TYR A 151 -48.22 1.08 9.59
N PHE A 152 -49.54 0.91 9.60
CA PHE A 152 -50.25 0.23 10.68
C PHE A 152 -51.39 -0.59 10.06
N GLU A 153 -51.37 -1.88 10.31
CA GLU A 153 -52.37 -2.80 9.79
C GLU A 153 -52.98 -3.48 11.00
N PRO A 154 -54.24 -3.18 11.33
CA PRO A 154 -54.86 -3.82 12.50
C PRO A 154 -54.86 -5.34 12.53
N ASP A 155 -54.81 -5.96 11.38
CA ASP A 155 -54.86 -7.41 11.29
C ASP A 155 -53.47 -8.04 11.31
N CYS A 156 -52.44 -7.23 11.50
CA CYS A 156 -51.08 -7.75 11.55
C CYS A 156 -50.84 -8.71 12.67
N SER A 157 -50.07 -9.73 12.36
CA SER A 157 -49.71 -10.74 13.30
C SER A 157 -48.38 -10.48 13.90
N SER A 158 -48.27 -10.77 15.17
CA SER A 158 -47.03 -10.61 15.88
C SER A 158 -46.26 -11.89 15.98
N GLU A 159 -46.83 -12.99 15.52
CA GLU A 159 -46.13 -14.24 15.60
C GLU A 159 -45.96 -14.99 14.34
N ASP A 160 -46.73 -14.64 13.35
CA ASP A 160 -46.53 -15.36 12.15
C ASP A 160 -46.00 -14.39 11.14
N MET A 161 -44.70 -14.50 10.89
CA MET A 161 -44.07 -13.60 9.97
C MET A 161 -43.71 -14.32 8.69
N ASP A 162 -43.95 -13.65 7.58
CA ASP A 162 -43.73 -14.25 6.27
C ASP A 162 -42.76 -13.51 5.43
N HIS A 163 -42.09 -12.51 5.98
CA HIS A 163 -41.14 -11.73 5.12
C HIS A 163 -39.98 -11.27 6.00
N GLY A 164 -38.79 -11.21 5.43
CA GLY A 164 -37.60 -10.78 6.19
C GLY A 164 -37.12 -9.47 5.59
N VAL A 165 -36.87 -8.49 6.47
CA VAL A 165 -36.49 -7.16 6.06
C VAL A 165 -35.37 -6.63 6.95
N LEU A 166 -35.06 -5.35 6.90
CA LEU A 166 -33.90 -4.85 7.63
C LEU A 166 -34.26 -3.55 8.29
N VAL A 167 -34.09 -3.48 9.61
CA VAL A 167 -34.37 -2.24 10.28
C VAL A 167 -33.09 -1.41 10.24
N VAL A 168 -33.19 -0.24 9.61
CA VAL A 168 -32.02 0.67 9.56
C VAL A 168 -32.04 1.83 10.50
N GLY A 169 -33.17 1.95 11.25
CA GLY A 169 -33.23 3.09 12.13
C GLY A 169 -34.65 3.21 12.66
N TYR A 170 -34.88 4.33 13.33
CA TYR A 170 -36.19 4.61 13.87
C TYR A 170 -36.34 6.13 14.04
N GLY A 171 -37.58 6.56 14.22
CA GLY A 171 -37.79 8.00 14.37
C GLY A 171 -39.22 8.32 14.71
N PHE A 172 -39.61 9.58 14.50
CA PHE A 172 -40.98 10.00 14.78
C PHE A 172 -41.44 11.06 13.83
N GLU A 173 -42.74 11.17 13.69
CA GLU A 173 -43.31 12.24 12.92
C GLU A 173 -44.66 12.57 13.56
N SER A 174 -44.99 13.85 13.60
CA SER A 174 -46.29 14.26 14.17
C SER A 174 -47.40 13.63 13.36
N THR A 175 -48.43 13.14 14.04
CA THR A 175 -49.54 12.47 13.33
C THR A 175 -50.89 12.88 13.90
N GLU A 176 -51.93 12.73 13.08
CA GLU A 176 -53.28 13.11 13.45
C GLU A 176 -53.80 12.32 14.63
N SER A 177 -53.32 11.08 14.75
CA SER A 177 -53.79 10.17 15.79
C SER A 177 -52.76 10.04 16.90
N ASP A 178 -51.65 10.80 16.84
CA ASP A 178 -50.62 10.61 17.88
C ASP A 178 -49.97 9.26 17.98
N ASP A 179 -50.00 8.50 16.88
CA ASP A 179 -49.21 7.27 16.78
C ASP A 179 -48.10 7.78 15.84
N ASN A 180 -47.00 8.16 16.47
CA ASN A 180 -45.95 8.95 15.84
C ASN A 180 -44.66 8.25 15.61
N LYS A 181 -44.45 7.11 16.25
CA LYS A 181 -43.17 6.46 16.17
C LYS A 181 -43.09 5.34 15.14
N TYR A 182 -41.92 5.26 14.48
CA TYR A 182 -41.82 4.20 13.49
C TYR A 182 -40.41 3.59 13.49
N TRP A 183 -40.37 2.37 12.94
CA TRP A 183 -39.08 1.71 12.62
C TRP A 183 -38.84 2.03 11.12
N LEU A 184 -37.62 2.39 10.79
CA LEU A 184 -37.25 2.69 9.43
C LEU A 184 -36.85 1.34 8.82
N VAL A 185 -37.59 0.84 7.83
CA VAL A 185 -37.32 -0.52 7.33
C VAL A 185 -36.98 -0.56 5.82
N LYS A 186 -35.86 -1.21 5.54
CA LYS A 186 -35.40 -1.36 4.14
C LYS A 186 -36.03 -2.62 3.62
N ASN A 187 -36.80 -2.53 2.52
CA ASN A 187 -37.40 -3.71 1.91
C ASN A 187 -36.51 -4.10 0.69
N SER A 188 -36.83 -5.21 0.03
CA SER A 188 -36.06 -5.75 -1.12
C SER A 188 -37.01 -5.95 -2.28
N TRP A 189 -37.83 -4.93 -2.55
CA TRP A 189 -38.82 -5.01 -3.63
C TRP A 189 -38.56 -3.93 -4.65
N GLY A 190 -37.30 -3.47 -4.71
CA GLY A 190 -36.97 -2.33 -5.60
C GLY A 190 -37.29 -0.93 -5.06
N GLU A 191 -36.68 0.07 -5.67
CA GLU A 191 -36.81 1.45 -5.21
C GLU A 191 -38.14 2.10 -5.49
N GLU A 192 -38.95 1.53 -6.38
CA GLU A 192 -40.20 2.18 -6.75
C GLU A 192 -41.32 1.92 -5.76
N TRP A 193 -41.28 0.76 -5.13
CA TRP A 193 -42.28 0.41 -4.14
C TRP A 193 -42.11 1.25 -2.87
N GLY A 194 -43.22 1.62 -2.22
CA GLY A 194 -43.04 2.27 -0.92
C GLY A 194 -42.39 3.64 -0.97
N MET A 195 -41.58 4.00 0.03
CA MET A 195 -40.94 5.33 0.10
C MET A 195 -39.49 5.04 -0.30
N GLY A 196 -39.31 5.05 -1.62
CA GLY A 196 -37.98 4.74 -2.15
C GLY A 196 -37.54 3.32 -1.84
N GLY A 197 -38.50 2.40 -1.64
CA GLY A 197 -38.14 1.06 -1.29
C GLY A 197 -38.10 0.79 0.19
N TYR A 198 -38.40 1.80 1.00
CA TYR A 198 -38.41 1.66 2.47
C TYR A 198 -39.88 1.78 2.95
N VAL A 199 -40.13 1.38 4.19
CA VAL A 199 -41.44 1.51 4.80
C VAL A 199 -41.19 1.92 6.25
N LYS A 200 -41.93 2.97 6.72
CA LYS A 200 -41.87 3.30 8.15
C LYS A 200 -42.96 2.45 8.85
N MET A 201 -42.51 1.50 9.67
CA MET A 201 -43.46 0.55 10.31
C MET A 201 -43.77 1.03 11.70
N ALA A 202 -45.01 0.85 12.15
CA ALA A 202 -45.36 1.38 13.50
C ALA A 202 -44.48 0.79 14.59
N LYS A 203 -44.03 1.70 15.44
CA LYS A 203 -43.11 1.36 16.53
C LYS A 203 -43.80 1.68 17.88
N ASP A 204 -43.62 0.75 18.78
CA ASP A 204 -44.16 0.80 20.15
C ASP A 204 -45.72 0.72 20.15
N ARG A 205 -46.23 -0.14 19.29
CA ARG A 205 -47.67 -0.43 19.21
C ARG A 205 -47.82 -1.93 19.33
N ARG A 206 -47.38 -2.44 20.45
CA ARG A 206 -47.41 -3.84 20.76
C ARG A 206 -46.78 -4.77 19.75
N ASN A 207 -45.56 -4.49 19.36
CA ASN A 207 -44.81 -5.34 18.45
C ASN A 207 -45.59 -5.58 17.18
N HIS A 208 -46.01 -4.49 16.56
CA HIS A 208 -46.79 -4.50 15.35
C HIS A 208 -46.15 -5.32 14.23
N CYS A 209 -46.89 -6.27 13.70
CA CYS A 209 -46.42 -7.14 12.65
C CYS A 209 -45.25 -8.07 13.02
N GLY A 210 -44.95 -8.15 14.31
CA GLY A 210 -43.91 -9.04 14.80
C GLY A 210 -42.49 -8.60 14.55
N ILE A 211 -42.32 -7.33 14.28
CA ILE A 211 -40.99 -6.82 13.98
C ILE A 211 -39.92 -7.21 15.00
N ALA A 212 -40.29 -7.34 16.26
CA ALA A 212 -39.35 -7.71 17.30
C ALA A 212 -39.34 -9.19 17.65
N SER A 213 -40.12 -9.99 16.98
CA SER A 213 -40.19 -11.39 17.29
C SER A 213 -39.08 -12.30 16.78
N ALA A 214 -38.32 -11.89 15.78
CA ALA A 214 -37.31 -12.77 15.24
C ALA A 214 -36.18 -11.86 14.67
N ALA A 215 -35.66 -11.00 15.55
CA ALA A 215 -34.64 -10.03 15.18
C ALA A 215 -33.26 -10.53 15.56
N SER A 216 -32.30 -10.27 14.67
CA SER A 216 -30.93 -10.78 14.96
C SER A 216 -29.92 -10.06 14.12
N TYR A 217 -28.62 -10.27 14.45
CA TYR A 217 -27.59 -9.62 13.62
C TYR A 217 -26.35 -10.51 13.66
N PRO A 218 -25.57 -10.53 12.56
CA PRO A 218 -24.36 -11.35 12.54
C PRO A 218 -23.19 -10.79 13.43
N THR A 219 -22.47 -11.72 14.03
N THR A 219 -22.40 -11.70 13.99
CA THR A 219 -21.26 -11.33 14.83
CA THR A 219 -21.27 -11.29 14.78
C THR A 219 -20.04 -11.31 13.91
C THR A 219 -20.02 -11.31 13.89
N VAL A 220 -19.46 -10.15 13.69
CA VAL A 220 -18.29 -10.03 12.81
C VAL A 220 -17.05 -9.70 13.65
N ALA B 1 10.58 16.10 8.25
CA ALA B 1 11.11 14.75 8.02
C ALA B 1 11.88 14.95 6.72
N PRO B 2 12.08 13.88 5.91
CA PRO B 2 12.78 14.21 4.64
C PRO B 2 12.14 15.47 4.04
N ARG B 3 12.57 16.01 2.91
CA ARG B 3 13.59 15.58 1.98
C ARG B 3 15.09 15.72 2.45
N SER B 4 15.31 16.37 3.57
CA SER B 4 16.68 16.55 4.05
C SER B 4 16.74 16.11 5.50
N VAL B 5 17.84 15.52 5.92
CA VAL B 5 17.99 15.06 7.28
C VAL B 5 19.38 15.49 7.78
N ASP B 6 19.47 16.04 9.00
CA ASP B 6 20.80 16.41 9.53
C ASP B 6 20.72 16.18 11.05
N TRP B 7 21.19 15.02 11.50
CA TRP B 7 21.08 14.69 12.91
C TRP B 7 21.86 15.65 13.78
N ARG B 8 22.83 16.40 13.24
CA ARG B 8 23.57 17.36 14.08
C ARG B 8 22.55 18.38 14.68
N GLU B 9 21.48 18.67 13.92
CA GLU B 9 20.50 19.68 14.41
C GLU B 9 19.74 19.22 15.65
N LYS B 10 19.62 17.94 15.86
CA LYS B 10 18.87 17.38 16.95
C LYS B 10 19.73 16.99 18.18
N GLY B 11 21.05 17.21 18.08
CA GLY B 11 21.96 16.95 19.21
C GLY B 11 22.56 15.56 19.31
N TYR B 12 22.48 14.80 18.22
CA TYR B 12 22.89 13.41 18.23
C TYR B 12 24.39 13.23 17.97
N VAL B 13 25.06 14.31 17.55
CA VAL B 13 26.44 14.14 17.04
C VAL B 13 27.47 14.98 17.79
N THR B 14 28.55 14.31 18.22
CA THR B 14 29.67 15.08 18.84
C THR B 14 30.53 15.82 17.81
N PRO B 15 31.34 16.76 18.26
CA PRO B 15 32.21 17.51 17.35
C PRO B 15 33.15 16.53 16.63
N VAL B 16 33.68 17.02 15.53
CA VAL B 16 34.61 16.21 14.74
C VAL B 16 35.89 15.91 15.51
N LYS B 17 36.34 14.67 15.38
CA LYS B 17 37.53 14.18 16.05
C LYS B 17 38.61 13.95 15.01
N ASN B 18 39.79 13.56 15.47
CA ASN B 18 40.92 13.35 14.59
C ASN B 18 41.69 12.09 14.90
N GLN B 19 41.61 11.11 14.02
CA GLN B 19 42.30 9.85 14.17
C GLN B 19 43.82 9.95 14.01
N GLY B 20 44.30 11.04 13.44
CA GLY B 20 45.73 11.17 13.22
C GLY B 20 46.33 10.10 12.31
N GLN B 21 47.53 9.65 12.63
CA GLN B 21 48.25 8.70 11.81
C GLN B 21 47.95 7.25 12.00
N CYS B 22 46.96 6.96 12.82
CA CYS B 22 46.56 5.63 13.15
C CYS B 22 45.39 5.16 12.31
N GLY B 23 45.45 3.90 11.90
CA GLY B 23 44.43 3.24 11.12
C GLY B 23 43.18 2.89 11.92
N SER B 24 42.60 3.87 12.57
CA SER B 24 41.47 3.68 13.49
C SER B 24 40.14 4.31 13.13
N TRP B 26 37.66 3.12 11.76
CA TRP B 26 36.62 2.19 12.17
C TRP B 26 36.13 2.45 13.58
N ALA B 27 37.03 2.84 14.45
CA ALA B 27 36.69 3.11 15.83
C ALA B 27 35.93 4.42 15.96
N PHE B 28 36.32 5.39 15.15
CA PHE B 28 35.64 6.69 15.17
C PHE B 28 34.25 6.54 14.56
N SER B 29 34.15 5.75 13.49
CA SER B 29 32.85 5.52 12.90
C SER B 29 31.91 4.82 13.91
N ALA B 30 32.49 3.83 14.62
CA ALA B 30 31.70 3.08 15.59
C ALA B 30 31.26 3.95 16.74
N THR B 31 32.18 4.72 17.27
CA THR B 31 31.78 5.58 18.44
C THR B 31 30.77 6.63 17.95
N GLY B 32 30.88 7.06 16.68
CA GLY B 32 29.95 8.06 16.16
C GLY B 32 28.56 7.44 16.17
N ALA B 33 28.46 6.23 15.66
CA ALA B 33 27.13 5.61 15.62
C ALA B 33 26.59 5.35 17.04
N LEU B 34 27.47 4.88 17.91
CA LEU B 34 27.00 4.55 19.28
C LEU B 34 26.60 5.83 20.02
N GLU B 35 27.34 6.93 19.76
CA GLU B 35 27.03 8.24 20.41
C GLU B 35 25.56 8.63 20.02
N GLY B 36 25.21 8.44 18.76
CA GLY B 36 23.86 8.73 18.29
C GLY B 36 22.86 7.79 18.89
N GLN B 37 23.12 6.48 18.95
CA GLN B 37 22.13 5.58 19.51
C GLN B 37 21.98 5.79 21.02
N MET B 38 23.09 6.10 21.69
CA MET B 38 22.98 6.37 23.13
C MET B 38 22.21 7.66 23.36
N PHE B 39 22.35 8.65 22.47
CA PHE B 39 21.60 9.86 22.63
C PHE B 39 20.09 9.49 22.50
N ARG B 40 19.75 8.79 21.44
CA ARG B 40 18.35 8.42 21.27
C ARG B 40 17.75 7.69 22.48
N LYS B 41 18.49 6.86 23.13
CA LYS B 41 17.94 6.11 24.26
C LYS B 41 18.11 6.78 25.62
N THR B 42 18.90 7.85 25.72
CA THR B 42 19.12 8.54 27.06
C THR B 42 18.94 10.03 27.03
N GLY B 43 18.82 10.64 25.85
CA GLY B 43 18.75 12.08 25.81
C GLY B 43 20.01 12.82 26.16
N ARG B 44 21.11 12.10 26.29
CA ARG B 44 22.37 12.72 26.63
C ARG B 44 23.48 12.36 25.63
N LEU B 45 24.26 13.37 25.24
CA LEU B 45 25.38 13.16 24.31
C LEU B 45 26.68 13.06 25.11
N ILE B 46 27.35 11.90 25.00
CA ILE B 46 28.64 11.72 25.69
C ILE B 46 29.65 11.21 24.66
N SER B 47 30.78 11.89 24.56
CA SER B 47 31.82 11.43 23.60
C SER B 47 32.43 10.10 24.14
N LEU B 48 32.47 9.09 23.27
CA LEU B 48 32.94 7.77 23.67
C LEU B 48 34.42 7.56 23.30
N SER B 49 35.01 6.50 23.87
CA SER B 49 36.43 6.23 23.66
C SER B 49 36.84 5.40 22.46
N GLU B 50 37.45 6.03 21.42
CA GLU B 50 37.96 5.23 20.35
C GLU B 50 39.16 4.46 20.88
N GLN B 51 39.95 5.05 21.79
CA GLN B 51 41.12 4.32 22.30
C GLN B 51 40.77 3.02 22.99
N ASN B 52 39.60 3.01 23.67
CA ASN B 52 39.21 1.76 24.31
C ASN B 52 38.96 0.71 23.21
N LEU B 53 38.37 1.11 22.08
CA LEU B 53 38.14 0.13 21.02
C LEU B 53 39.46 -0.32 20.37
N VAL B 54 40.36 0.64 20.11
CA VAL B 54 41.67 0.28 19.49
C VAL B 54 42.42 -0.67 20.38
N ASP B 55 42.34 -0.42 21.69
CA ASP B 55 43.18 -1.23 22.61
C ASP B 55 42.55 -2.56 23.01
N CYS B 56 41.20 -2.63 23.01
CA CYS B 56 40.56 -3.78 23.56
C CYS B 56 39.79 -4.69 22.69
N SER B 57 39.52 -4.27 21.45
CA SER B 57 38.63 -5.05 20.61
C SER B 57 39.35 -5.98 19.56
N GLY B 58 40.61 -6.23 19.82
CA GLY B 58 41.33 -7.22 19.01
C GLY B 58 40.67 -8.60 19.05
N PRO B 59 40.10 -9.05 20.17
CA PRO B 59 39.45 -10.39 20.20
C PRO B 59 38.26 -10.50 19.26
N GLN B 60 37.65 -9.35 18.90
CA GLN B 60 36.50 -9.30 17.99
C GLN B 60 36.88 -9.21 16.51
N GLY B 61 38.18 -9.13 16.28
CA GLY B 61 38.74 -9.12 14.92
C GLY B 61 39.34 -7.79 14.55
N ASN B 62 39.30 -6.77 15.40
CA ASN B 62 39.94 -5.53 15.01
C ASN B 62 41.46 -5.57 15.09
N GLU B 63 42.12 -4.67 14.38
CA GLU B 63 43.57 -4.69 14.29
C GLU B 63 44.26 -3.40 14.71
N GLY B 64 43.66 -2.73 15.67
CA GLY B 64 44.22 -1.52 16.19
C GLY B 64 44.45 -0.42 15.19
N CYS B 65 45.69 0.01 15.04
CA CYS B 65 45.98 1.04 14.08
C CYS B 65 46.14 0.50 12.68
N ASN B 66 45.97 -0.78 12.51
CA ASN B 66 46.08 -1.40 11.21
C ASN B 66 44.73 -1.80 10.62
N GLY B 67 43.68 -1.16 11.11
CA GLY B 67 42.34 -1.35 10.61
C GLY B 67 41.37 -2.13 11.46
N GLY B 68 40.12 -2.20 11.04
CA GLY B 68 39.13 -2.91 11.81
C GLY B 68 37.77 -2.66 11.22
N LEU B 69 36.72 -3.19 11.84
CA LEU B 69 35.37 -3.00 11.28
C LEU B 69 34.39 -2.50 12.32
N MET B 70 33.47 -1.62 11.93
CA MET B 70 32.50 -1.11 12.91
C MET B 70 31.69 -2.21 13.56
N ASP B 71 31.29 -3.22 12.80
CA ASP B 71 30.53 -4.31 13.43
C ASP B 71 31.30 -4.99 14.57
N TYR B 72 32.57 -5.20 14.40
CA TYR B 72 33.43 -5.83 15.41
C TYR B 72 33.46 -4.94 16.65
N ALA B 73 33.56 -3.63 16.48
CA ALA B 73 33.53 -2.74 17.63
C ALA B 73 32.16 -2.94 18.34
N PHE B 74 31.06 -2.94 17.57
CA PHE B 74 29.73 -3.12 18.25
C PHE B 74 29.71 -4.47 18.97
N GLN B 75 30.31 -5.51 18.37
CA GLN B 75 30.33 -6.83 19.06
C GLN B 75 31.14 -6.71 20.34
N TYR B 76 32.24 -5.95 20.31
CA TYR B 76 33.05 -5.78 21.50
C TYR B 76 32.27 -5.12 22.60
N VAL B 77 31.54 -4.07 22.27
CA VAL B 77 30.78 -3.39 23.33
C VAL B 77 29.72 -4.37 23.93
N GLN B 78 29.11 -5.21 23.09
CA GLN B 78 28.11 -6.20 23.58
C GLN B 78 28.82 -7.18 24.52
N ASP B 79 29.90 -7.76 24.02
CA ASP B 79 30.61 -8.79 24.78
C ASP B 79 31.25 -8.31 26.05
N ASN B 80 31.75 -7.08 26.01
CA ASN B 80 32.42 -6.50 27.16
C ASN B 80 31.43 -5.93 28.18
N GLY B 81 30.20 -5.74 27.76
CA GLY B 81 29.23 -5.11 28.63
C GLY B 81 29.36 -3.62 28.84
N GLY B 82 30.12 -2.91 27.99
CA GLY B 82 30.22 -1.45 28.18
C GLY B 82 31.30 -0.86 27.29
N LEU B 83 31.40 0.45 27.32
CA LEU B 83 32.51 1.15 26.62
C LEU B 83 32.73 2.41 27.40
N ASP B 84 34.00 2.76 27.66
CA ASP B 84 34.36 3.95 28.41
C ASP B 84 34.17 5.24 27.64
N SER B 85 33.84 6.29 28.37
CA SER B 85 33.77 7.61 27.81
C SER B 85 35.16 8.04 27.31
N GLU B 86 35.18 8.99 26.38
CA GLU B 86 36.43 9.62 25.89
C GLU B 86 37.24 10.26 26.98
N GLU B 87 36.54 10.96 27.89
CA GLU B 87 37.33 11.66 28.92
C GLU B 87 38.06 10.71 29.81
N SER B 88 37.44 9.56 30.05
CA SER B 88 38.06 8.57 30.91
C SER B 88 39.14 7.71 30.27
N TYR B 89 39.19 7.70 28.95
CA TYR B 89 40.09 6.75 28.27
C TYR B 89 40.46 7.54 27.00
N PRO B 90 41.39 8.48 27.14
CA PRO B 90 41.77 9.34 26.02
C PRO B 90 42.46 8.76 24.84
N TYR B 91 42.31 9.47 23.73
CA TYR B 91 42.97 9.02 22.50
C TYR B 91 44.47 9.28 22.43
N GLU B 92 45.20 8.23 22.02
CA GLU B 92 46.67 8.32 21.91
C GLU B 92 47.20 8.05 20.50
N ALA B 93 46.34 7.60 19.60
CA ALA B 93 46.71 7.34 18.20
C ALA B 93 47.82 6.30 17.97
N THR B 94 47.87 5.31 18.90
CA THR B 94 48.78 4.18 18.82
C THR B 94 48.10 3.10 19.63
N GLU B 95 48.28 1.85 19.25
CA GLU B 95 47.67 0.76 19.92
C GLU B 95 48.35 0.48 21.22
N GLU B 96 47.58 0.48 22.31
CA GLU B 96 48.11 0.28 23.66
C GLU B 96 47.40 -0.87 24.40
N SER B 97 47.86 -1.17 25.60
CA SER B 97 47.24 -2.26 26.32
C SER B 97 45.77 -1.95 26.69
N CYS B 98 44.96 -2.98 26.76
CA CYS B 98 43.57 -2.74 27.13
C CYS B 98 43.47 -2.31 28.61
N LYS B 99 42.91 -1.14 28.81
CA LYS B 99 42.74 -0.54 30.16
C LYS B 99 41.28 -0.21 30.47
N TYR B 100 40.38 -0.98 29.85
CA TYR B 100 38.94 -0.73 30.09
C TYR B 100 38.61 -0.77 31.57
N ASN B 101 37.85 0.20 32.06
CA ASN B 101 37.40 0.23 33.47
C ASN B 101 35.89 0.36 33.45
N PRO B 102 35.18 -0.67 33.90
CA PRO B 102 33.72 -0.62 33.90
C PRO B 102 33.09 0.53 34.70
N LYS B 103 33.85 1.09 35.62
CA LYS B 103 33.39 2.21 36.42
C LYS B 103 33.10 3.37 35.50
N TYR B 104 33.88 3.47 34.43
CA TYR B 104 33.62 4.56 33.46
C TYR B 104 32.85 4.28 32.20
N SER B 105 32.17 3.14 32.15
CA SER B 105 31.31 2.77 31.04
C SER B 105 30.09 3.63 30.98
N VAL B 106 29.90 4.31 29.84
CA VAL B 106 28.77 5.19 29.64
C VAL B 106 27.97 4.78 28.40
N ALA B 107 28.25 3.61 27.86
CA ALA B 107 27.48 3.17 26.72
C ALA B 107 27.42 1.67 26.75
N ASN B 108 26.49 1.12 25.99
CA ASN B 108 26.34 -0.32 25.92
C ASN B 108 25.64 -0.64 24.63
N ASP B 109 25.73 -1.88 24.20
CA ASP B 109 24.89 -2.28 23.05
C ASP B 109 24.65 -3.76 23.11
N ALA B 110 23.62 -4.22 22.39
CA ALA B 110 23.33 -5.67 22.41
C ALA B 110 23.70 -6.39 21.11
N GLY B 111 24.40 -5.67 20.23
CA GLY B 111 24.66 -6.18 18.92
C GLY B 111 24.57 -5.04 17.92
N PHE B 112 24.22 -5.42 16.68
CA PHE B 112 24.17 -4.46 15.61
C PHE B 112 23.24 -4.97 14.51
N VAL B 113 22.88 -4.07 13.62
CA VAL B 113 22.03 -4.41 12.47
C VAL B 113 22.74 -4.00 11.17
N ASP B 114 22.83 -4.94 10.23
CA ASP B 114 23.48 -4.62 8.97
C ASP B 114 22.36 -4.22 8.04
N ILE B 115 22.52 -3.08 7.40
CA ILE B 115 21.60 -2.50 6.43
C ILE B 115 21.80 -3.16 5.08
N PRO B 116 20.69 -3.49 4.37
CA PRO B 116 20.77 -4.14 3.04
C PRO B 116 21.65 -3.20 2.20
N LYS B 117 22.35 -3.76 1.20
CA LYS B 117 23.23 -2.99 0.36
C LYS B 117 22.60 -2.16 -0.74
N GLN B 118 21.76 -1.22 -0.36
CA GLN B 118 21.01 -0.38 -1.31
C GLN B 118 21.01 0.98 -0.72
N GLU B 119 21.21 2.01 -1.53
CA GLU B 119 21.15 3.41 -1.02
C GLU B 119 19.73 3.73 -0.53
N LYS B 120 18.70 3.08 -1.12
CA LYS B 120 17.34 3.33 -0.62
C LYS B 120 17.25 2.81 0.85
N ALA B 121 17.82 1.67 1.15
CA ALA B 121 17.73 1.10 2.51
C ALA B 121 18.54 2.00 3.47
N LEU B 122 19.69 2.44 3.00
CA LEU B 122 20.52 3.35 3.79
C LEU B 122 19.79 4.65 4.10
N MET B 123 19.07 5.21 3.10
CA MET B 123 18.33 6.39 3.35
C MET B 123 17.28 6.12 4.47
N LYS B 124 16.61 4.98 4.39
CA LYS B 124 15.57 4.63 5.40
C LYS B 124 16.17 4.56 6.81
N ALA B 125 17.36 3.99 6.90
CA ALA B 125 17.96 3.87 8.21
C ALA B 125 18.42 5.23 8.68
N VAL B 126 19.03 6.07 7.83
CA VAL B 126 19.43 7.37 8.36
C VAL B 126 18.21 8.16 8.86
N ALA B 127 17.10 8.07 8.12
CA ALA B 127 15.92 8.84 8.52
C ALA B 127 15.25 8.31 9.75
N THR B 128 15.26 7.02 9.94
CA THR B 128 14.54 6.43 11.05
C THR B 128 15.31 6.02 12.26
N VAL B 129 16.61 5.78 12.08
CA VAL B 129 17.45 5.30 13.17
C VAL B 129 18.40 6.35 13.74
N GLY B 130 19.08 7.10 12.89
CA GLY B 130 20.03 8.07 13.40
C GLY B 130 21.30 7.92 12.58
N PRO B 131 22.43 8.48 13.00
CA PRO B 131 23.69 8.37 12.28
C PRO B 131 24.03 6.87 12.08
N ILE B 132 24.56 6.55 10.85
CA ILE B 132 24.84 5.18 10.50
C ILE B 132 26.35 5.03 10.15
N SER B 133 26.93 3.95 10.59
CA SER B 133 28.36 3.67 10.27
C SER B 133 28.39 3.14 8.84
N VAL B 134 29.35 3.66 8.06
CA VAL B 134 29.51 3.15 6.67
C VAL B 134 31.00 3.11 6.33
N ALA B 135 31.33 2.24 5.40
CA ALA B 135 32.70 2.15 4.84
C ALA B 135 32.67 2.75 3.38
N ILE B 136 33.67 3.56 3.06
CA ILE B 136 33.75 4.14 1.71
C ILE B 136 35.14 3.96 1.11
N ASP B 137 35.20 4.07 -0.22
CA ASP B 137 36.52 4.11 -0.85
C ASP B 137 36.99 5.58 -0.74
N ALA B 138 37.95 5.87 0.17
CA ALA B 138 38.46 7.21 0.32
C ALA B 138 39.91 7.25 -0.16
N GLY B 139 40.30 6.31 -1.04
CA GLY B 139 41.74 6.22 -1.38
C GLY B 139 42.19 7.06 -2.53
N HIS B 140 41.45 8.06 -2.91
CA HIS B 140 41.85 8.84 -4.06
C HIS B 140 42.36 10.17 -3.69
N GLU B 141 43.24 10.71 -4.54
CA GLU B 141 43.70 12.06 -4.34
C GLU B 141 42.55 13.12 -4.19
N SER B 142 41.47 12.93 -4.96
CA SER B 142 40.35 13.89 -4.90
C SER B 142 39.76 13.99 -3.49
N PHE B 143 39.81 12.89 -2.75
CA PHE B 143 39.22 12.85 -1.38
C PHE B 143 40.15 13.59 -0.45
N LEU B 144 41.48 13.44 -0.60
CA LEU B 144 42.39 14.22 0.28
C LEU B 144 42.14 15.70 0.10
N PHE B 145 41.93 16.09 -1.16
CA PHE B 145 41.74 17.52 -1.48
C PHE B 145 40.30 18.09 -1.42
N TYR B 146 39.34 17.26 -1.01
CA TYR B 146 37.96 17.68 -0.94
C TYR B 146 37.74 18.90 -0.08
N LYS B 147 37.00 19.91 -0.58
CA LYS B 147 36.77 21.09 0.28
C LYS B 147 35.34 21.52 0.17
N GLU B 148 34.77 21.40 -1.01
CA GLU B 148 33.36 21.87 -1.12
C GLU B 148 32.52 21.20 -2.19
N GLY B 149 31.21 21.36 -2.09
CA GLY B 149 30.34 20.76 -3.11
C GLY B 149 30.11 19.29 -2.85
N ILE B 150 29.61 18.61 -3.83
CA ILE B 150 29.31 17.22 -3.66
C ILE B 150 30.47 16.44 -4.19
N TYR B 151 31.05 15.58 -3.37
CA TYR B 151 32.17 14.78 -3.89
C TYR B 151 31.74 13.66 -4.82
N PHE B 152 32.34 13.64 -6.04
CA PHE B 152 32.13 12.54 -6.96
C PHE B 152 33.51 12.22 -7.60
N GLU B 153 33.92 10.96 -7.50
CA GLU B 153 35.19 10.53 -8.06
C GLU B 153 34.86 9.37 -9.01
N PRO B 154 35.00 9.62 -10.32
CA PRO B 154 34.68 8.53 -11.26
C PRO B 154 35.39 7.17 -11.03
N ASP B 155 36.57 7.16 -10.43
CA ASP B 155 37.30 5.91 -10.19
C ASP B 155 36.89 5.26 -8.89
N CYS B 156 35.89 5.84 -8.18
CA CYS B 156 35.52 5.25 -6.89
C CYS B 156 35.05 3.84 -7.00
N SER B 157 35.39 3.02 -6.02
CA SER B 157 35.00 1.64 -6.00
C SER B 157 33.76 1.46 -5.14
N SER B 158 32.88 0.58 -5.54
CA SER B 158 31.69 0.35 -4.72
C SER B 158 31.89 -0.91 -3.91
N GLU B 159 33.03 -1.59 -4.07
CA GLU B 159 33.22 -2.78 -3.29
C GLU B 159 34.48 -2.81 -2.51
N ASP B 160 35.43 -1.98 -2.80
CA ASP B 160 36.60 -2.09 -2.02
C ASP B 160 36.76 -0.82 -1.22
N MET B 161 36.25 -0.89 0.02
CA MET B 161 36.29 0.28 0.86
C MET B 161 37.43 0.23 1.86
N ASP B 162 38.05 1.37 1.98
CA ASP B 162 39.22 1.46 2.84
C ASP B 162 39.15 2.42 3.97
N HIS B 163 37.98 3.01 4.18
CA HIS B 163 37.85 4.02 5.25
C HIS B 163 36.45 3.91 5.86
N GLY B 164 36.34 4.08 7.14
CA GLY B 164 35.04 3.98 7.82
C GLY B 164 34.70 5.37 8.34
N VAL B 165 33.46 5.78 8.05
CA VAL B 165 32.99 7.14 8.37
C VAL B 165 31.56 7.06 8.90
N LEU B 166 30.86 8.19 8.98
CA LEU B 166 29.53 8.19 9.63
C LEU B 166 28.57 9.05 8.85
N VAL B 167 27.47 8.43 8.40
CA VAL B 167 26.47 9.25 7.68
C VAL B 167 25.54 9.87 8.72
N VAL B 168 25.51 11.18 8.77
CA VAL B 168 24.63 11.88 9.72
C VAL B 168 23.39 12.48 9.11
N GLY B 169 23.27 12.31 7.78
CA GLY B 169 22.09 12.91 7.17
C GLY B 169 22.25 12.88 5.65
N TYR B 170 21.35 13.60 4.99
CA TYR B 170 21.41 13.66 3.55
C TYR B 170 20.66 14.89 3.09
N GLY B 171 20.87 15.25 1.85
CA GLY B 171 20.23 16.49 1.40
C GLY B 171 20.41 16.73 -0.06
N PHE B 172 20.21 17.98 -0.51
CA PHE B 172 20.38 18.32 -1.93
C PHE B 172 20.78 19.75 -2.07
N GLU B 173 21.46 20.04 -3.17
CA GLU B 173 21.76 21.39 -3.53
C GLU B 173 21.61 21.44 -5.07
N SER B 174 20.76 22.33 -5.52
CA SER B 174 20.51 22.47 -6.94
C SER B 174 21.76 22.99 -7.64
N THR B 175 22.44 22.11 -8.40
CA THR B 175 23.65 22.51 -9.11
C THR B 175 23.78 22.24 -10.63
N GLU B 176 24.95 22.57 -11.13
CA GLU B 176 25.36 22.54 -12.50
C GLU B 176 25.07 21.37 -13.34
N SER B 177 25.52 20.20 -12.93
CA SER B 177 25.29 19.01 -13.75
C SER B 177 23.98 18.33 -13.38
N ASP B 178 23.16 18.92 -12.49
CA ASP B 178 21.93 18.19 -12.14
C ASP B 178 22.20 16.98 -11.24
N ASP B 179 23.40 16.85 -10.68
CA ASP B 179 23.70 15.73 -9.72
C ASP B 179 23.65 16.49 -8.40
N ASN B 180 22.49 16.37 -7.73
CA ASN B 180 22.16 17.32 -6.67
C ASN B 180 22.09 16.73 -5.29
N LYS B 181 22.08 15.41 -5.22
CA LYS B 181 21.84 14.76 -3.93
C LYS B 181 23.14 14.26 -3.27
N TYR B 182 23.19 14.39 -1.93
CA TYR B 182 24.39 13.91 -1.24
C TYR B 182 24.06 13.30 0.10
N TRP B 183 25.02 12.48 0.56
CA TRP B 183 24.99 11.97 1.95
C TRP B 183 25.85 12.94 2.74
N LEU B 184 25.40 13.30 3.94
CA LEU B 184 26.16 14.24 4.77
C LEU B 184 27.07 13.34 5.66
N VAL B 185 28.39 13.38 5.44
CA VAL B 185 29.28 12.41 6.10
C VAL B 185 30.27 13.09 7.04
N LYS B 186 30.31 12.56 8.26
CA LYS B 186 31.25 13.03 9.30
C LYS B 186 32.51 12.21 9.12
N ASN B 187 33.63 12.90 8.90
CA ASN B 187 34.95 12.18 8.82
C ASN B 187 35.61 12.34 10.21
N SER B 188 36.80 11.71 10.36
CA SER B 188 37.60 11.73 11.59
C SER B 188 39.03 12.22 11.30
N TRP B 189 39.15 13.30 10.51
CA TRP B 189 40.43 13.84 10.12
C TRP B 189 40.60 15.25 10.63
N GLY B 190 39.85 15.56 11.70
CA GLY B 190 39.92 16.94 12.25
C GLY B 190 39.00 17.94 11.55
N GLU B 191 38.74 19.06 12.20
CA GLU B 191 37.84 20.04 11.62
C GLU B 191 38.37 20.84 10.45
N GLU B 192 39.66 20.84 10.21
CA GLU B 192 40.22 21.67 9.14
C GLU B 192 40.00 21.08 7.77
N TRP B 193 40.06 19.77 7.66
CA TRP B 193 39.86 19.09 6.41
C TRP B 193 38.39 19.20 5.92
N GLY B 194 38.21 19.33 4.59
CA GLY B 194 36.84 19.21 4.06
C GLY B 194 36.00 20.40 4.43
N MET B 195 34.72 20.14 4.69
CA MET B 195 33.78 21.21 5.08
C MET B 195 33.56 21.06 6.59
N GLY B 196 34.44 21.70 7.34
CA GLY B 196 34.39 21.56 8.80
C GLY B 196 34.61 20.13 9.23
N GLY B 197 35.38 19.32 8.47
CA GLY B 197 35.55 17.91 8.81
C GLY B 197 34.50 16.99 8.27
N TYR B 198 33.52 17.54 7.53
CA TYR B 198 32.45 16.77 6.90
C TYR B 198 32.66 16.77 5.33
N VAL B 199 32.04 15.80 4.65
CA VAL B 199 32.08 15.75 3.21
C VAL B 199 30.70 15.37 2.74
N LYS B 200 30.19 16.09 1.71
CA LYS B 200 28.92 15.72 1.09
C LYS B 200 29.26 14.74 -0.02
N MET B 201 28.85 13.50 0.13
CA MET B 201 29.23 12.45 -0.84
C MET B 201 28.07 12.22 -1.79
N ALA B 202 28.38 11.95 -3.06
CA ALA B 202 27.28 11.80 -4.03
C ALA B 202 26.30 10.69 -3.60
N LYS B 203 25.01 11.03 -3.71
CA LYS B 203 23.94 10.12 -3.31
C LYS B 203 23.12 9.80 -4.55
N ASP B 204 22.71 8.55 -4.58
CA ASP B 204 21.93 7.98 -5.67
C ASP B 204 22.66 8.10 -7.04
N ARG B 205 23.96 7.82 -6.99
CA ARG B 205 24.77 7.75 -8.23
C ARG B 205 25.39 6.37 -8.17
N ARG B 206 24.54 5.34 -8.20
CA ARG B 206 24.94 3.94 -8.18
C ARG B 206 25.89 3.53 -7.05
N ASN B 207 25.55 3.93 -5.84
CA ASN B 207 26.31 3.51 -4.63
C ASN B 207 27.74 3.95 -4.73
N HIS B 208 27.88 5.23 -4.99
CA HIS B 208 29.16 5.85 -5.20
C HIS B 208 30.14 5.60 -4.03
N CYS B 209 31.33 5.07 -4.33
CA CYS B 209 32.35 4.80 -3.32
C CYS B 209 31.96 3.74 -2.28
N GLY B 210 30.86 3.01 -2.55
CA GLY B 210 30.50 1.84 -1.72
C GLY B 210 29.80 2.25 -0.41
N ILE B 211 29.32 3.49 -0.38
CA ILE B 211 28.72 4.01 0.91
C ILE B 211 27.64 3.11 1.46
N ALA B 212 26.82 2.45 0.58
CA ALA B 212 25.81 1.55 1.10
C ALA B 212 26.23 0.06 1.16
N SER B 213 27.48 -0.27 0.91
CA SER B 213 27.90 -1.67 0.89
C SER B 213 28.27 -2.33 2.18
N ALA B 214 28.51 -1.57 3.24
CA ALA B 214 28.91 -2.13 4.52
C ALA B 214 28.41 -1.12 5.64
N ALA B 215 27.09 -0.85 5.56
CA ALA B 215 26.44 0.09 6.47
C ALA B 215 25.79 -0.67 7.65
N SER B 216 25.90 -0.10 8.83
CA SER B 216 25.31 -0.77 10.02
C SER B 216 25.18 0.18 11.18
N TYR B 217 24.45 -0.26 12.22
CA TYR B 217 24.31 0.59 13.41
C TYR B 217 24.18 -0.34 14.62
N PRO B 218 24.58 0.16 15.80
CA PRO B 218 24.50 -0.63 17.00
C PRO B 218 23.05 -0.69 17.58
N THR B 219 22.69 -1.84 18.13
CA THR B 219 21.33 -1.96 18.75
C THR B 219 21.45 -1.64 20.24
N VAL B 220 20.87 -0.56 20.73
CA VAL B 220 20.96 -0.27 22.17
C VAL B 220 19.59 -0.29 22.93
N ALA C 1 8.98 15.30 -37.18
CA ALA C 1 8.51 16.08 -36.03
C ALA C 1 9.67 16.77 -35.30
N PRO C 2 10.48 16.01 -34.54
CA PRO C 2 11.59 16.60 -33.81
C PRO C 2 11.65 17.67 -32.74
N ARG C 3 11.50 18.97 -32.97
CA ARG C 3 11.72 19.78 -31.77
C ARG C 3 10.65 19.58 -30.72
N SER C 4 9.40 19.55 -31.13
CA SER C 4 8.28 19.34 -30.21
C SER C 4 7.38 18.27 -30.76
N VAL C 5 6.83 17.45 -29.89
CA VAL C 5 5.92 16.39 -30.26
C VAL C 5 4.75 16.39 -29.28
N ASP C 6 3.54 16.32 -29.81
CA ASP C 6 2.36 16.25 -28.95
C ASP C 6 1.32 15.36 -29.61
N TRP C 7 1.31 14.08 -29.27
CA TRP C 7 0.39 13.13 -29.85
C TRP C 7 -1.09 13.49 -29.70
N ARG C 8 -1.43 14.32 -28.73
CA ARG C 8 -2.83 14.74 -28.54
C ARG C 8 -3.31 15.44 -29.85
N GLU C 9 -2.38 16.14 -30.52
CA GLU C 9 -2.79 16.84 -31.75
C GLU C 9 -3.15 15.92 -32.89
N LYS C 10 -2.75 14.67 -32.89
CA LYS C 10 -2.99 13.79 -33.98
C LYS C 10 -4.13 12.78 -33.65
N GLY C 11 -4.74 12.91 -32.47
CA GLY C 11 -5.90 12.06 -32.12
C GLY C 11 -5.57 10.75 -31.41
N TYR C 12 -4.33 10.62 -30.92
CA TYR C 12 -3.91 9.33 -30.33
C TYR C 12 -4.31 9.15 -28.86
N VAL C 13 -4.76 10.21 -28.23
CA VAL C 13 -4.90 10.21 -26.74
C VAL C 13 -6.34 10.52 -26.31
N THR C 14 -6.84 9.66 -25.39
CA THR C 14 -8.18 9.91 -24.81
C THR C 14 -8.10 10.99 -23.73
N PRO C 15 -9.25 11.51 -23.29
CA PRO C 15 -9.26 12.55 -22.24
C PRO C 15 -8.67 11.94 -20.96
N VAL C 16 -8.30 12.83 -20.09
CA VAL C 16 -7.71 12.41 -18.81
C VAL C 16 -8.76 11.70 -17.96
N LYS C 17 -8.32 10.63 -17.32
CA LYS C 17 -9.13 9.80 -16.46
C LYS C 17 -8.71 10.03 -14.98
N ASN C 18 -9.34 9.31 -14.09
CA ASN C 18 -9.12 9.52 -12.66
C ASN C 18 -9.13 8.18 -11.94
N GLN C 19 -7.93 7.77 -11.51
CA GLN C 19 -7.75 6.50 -10.78
C GLN C 19 -8.38 6.57 -9.36
N GLY C 20 -8.61 7.77 -8.84
CA GLY C 20 -9.21 7.82 -7.48
C GLY C 20 -8.30 7.31 -6.36
N GLN C 21 -8.87 6.61 -5.39
CA GLN C 21 -8.08 6.16 -4.23
C GLN C 21 -7.42 4.80 -4.41
N CYS C 22 -7.45 4.26 -5.63
CA CYS C 22 -6.95 2.92 -5.87
C CYS C 22 -5.56 3.05 -6.51
N GLY C 23 -4.61 2.15 -6.13
CA GLY C 23 -3.23 2.26 -6.69
C GLY C 23 -3.20 1.55 -8.03
N SER C 24 -3.93 2.10 -9.02
CA SER C 24 -4.07 1.45 -10.30
C SER C 24 -3.48 2.34 -11.41
N TRP C 26 -0.74 2.14 -12.87
CA TRP C 26 -0.13 1.25 -13.87
C TRP C 26 -1.14 0.86 -14.91
N ALA C 27 -2.41 0.70 -14.55
CA ALA C 27 -3.45 0.25 -15.52
C ALA C 27 -3.81 1.43 -16.41
N PHE C 28 -3.82 2.64 -15.84
CA PHE C 28 -4.09 3.83 -16.63
C PHE C 28 -2.93 4.13 -17.58
N SER C 29 -1.72 3.90 -17.12
CA SER C 29 -0.58 4.12 -18.02
C SER C 29 -0.61 3.11 -19.17
N ALA C 30 -0.97 1.86 -18.86
CA ALA C 30 -1.02 0.83 -19.84
C ALA C 30 -2.14 1.05 -20.82
N THR C 31 -3.34 1.41 -20.36
CA THR C 31 -4.45 1.61 -21.37
C THR C 31 -4.09 2.83 -22.17
N GLY C 32 -3.38 3.79 -21.59
CA GLY C 32 -3.00 4.98 -22.39
C GLY C 32 -2.08 4.61 -23.55
N ALA C 33 -1.11 3.77 -23.22
CA ALA C 33 -0.19 3.34 -24.29
C ALA C 33 -0.88 2.48 -25.31
N LEU C 34 -1.77 1.61 -24.86
CA LEU C 34 -2.42 0.75 -25.81
C LEU C 34 -3.42 1.56 -26.69
N GLU C 35 -4.09 2.57 -26.08
CA GLU C 35 -5.07 3.43 -26.84
C GLU C 35 -4.26 4.06 -28.02
N GLY C 36 -3.05 4.50 -27.73
CA GLY C 36 -2.21 5.11 -28.76
C GLY C 36 -1.77 4.10 -29.79
N GLN C 37 -1.37 2.89 -29.40
CA GLN C 37 -0.92 1.92 -30.39
C GLN C 37 -2.12 1.42 -31.22
N MET C 38 -3.28 1.25 -30.58
CA MET C 38 -4.47 0.86 -31.34
C MET C 38 -4.92 1.93 -32.32
N PHE C 39 -4.72 3.22 -31.97
CA PHE C 39 -5.06 4.26 -32.89
C PHE C 39 -4.10 4.16 -34.10
N ARG C 40 -2.82 3.99 -33.84
CA ARG C 40 -1.85 3.91 -34.91
C ARG C 40 -2.16 2.78 -35.89
N LYS C 41 -2.65 1.65 -35.37
CA LYS C 41 -2.95 0.52 -36.21
C LYS C 41 -4.35 0.44 -36.80
N THR C 42 -5.30 1.25 -36.29
CA THR C 42 -6.69 1.14 -36.77
C THR C 42 -7.27 2.48 -37.13
N GLY C 43 -6.63 3.58 -36.80
CA GLY C 43 -7.23 4.88 -37.09
C GLY C 43 -8.43 5.29 -36.23
N ARG C 44 -8.65 4.53 -35.17
CA ARG C 44 -9.82 4.78 -34.30
C ARG C 44 -9.33 4.86 -32.81
N LEU C 45 -9.87 5.82 -32.10
CA LEU C 45 -9.55 5.99 -30.68
C LEU C 45 -10.72 5.41 -29.88
N ILE C 46 -10.40 4.42 -29.05
CA ILE C 46 -11.41 3.81 -28.15
C ILE C 46 -10.82 3.78 -26.75
N SER C 47 -11.55 4.36 -25.78
CA SER C 47 -11.11 4.32 -24.37
C SER C 47 -11.16 2.86 -23.86
N LEU C 48 -10.03 2.38 -23.30
CA LEU C 48 -9.94 0.99 -22.86
C LEU C 48 -10.18 0.85 -21.36
N SER C 49 -10.43 -0.40 -20.93
CA SER C 49 -10.81 -0.63 -19.53
C SER C 49 -9.65 -0.86 -18.51
N GLU C 50 -9.43 0.13 -17.65
CA GLU C 50 -8.44 -0.08 -16.58
C GLU C 50 -9.01 -1.12 -15.62
N GLN C 51 -10.33 -1.10 -15.41
CA GLN C 51 -10.92 -2.08 -14.49
C GLN C 51 -10.74 -3.50 -14.91
N ASN C 52 -10.72 -3.74 -16.24
CA ASN C 52 -10.47 -5.13 -16.71
C ASN C 52 -9.02 -5.51 -16.27
N LEU C 53 -8.07 -4.57 -16.36
CA LEU C 53 -6.70 -4.90 -15.95
C LEU C 53 -6.58 -5.06 -14.45
N VAL C 54 -7.26 -4.22 -13.68
CA VAL C 54 -7.19 -4.34 -12.20
C VAL C 54 -7.76 -5.67 -11.77
N ASP C 55 -8.84 -6.09 -12.42
CA ASP C 55 -9.54 -7.28 -11.96
C ASP C 55 -8.99 -8.57 -12.49
N CYS C 56 -8.30 -8.53 -13.68
CA CYS C 56 -7.93 -9.74 -14.32
C CYS C 56 -6.48 -10.02 -14.50
N SER C 57 -5.60 -9.03 -14.28
CA SER C 57 -4.21 -9.26 -14.62
C SER C 57 -3.30 -9.61 -13.38
N GLY C 58 -3.95 -10.12 -12.34
CA GLY C 58 -3.17 -10.61 -11.18
C GLY C 58 -2.23 -11.78 -11.57
N PRO C 59 -2.66 -12.69 -12.43
CA PRO C 59 -1.79 -13.83 -12.84
C PRO C 59 -0.50 -13.36 -13.54
N GLN C 60 -0.48 -12.14 -14.10
CA GLN C 60 0.73 -11.59 -14.73
C GLN C 60 1.65 -10.83 -13.78
N GLY C 61 1.20 -10.73 -12.51
CA GLY C 61 1.96 -10.10 -11.44
C GLY C 61 1.38 -8.81 -10.95
N ASN C 62 0.24 -8.31 -11.51
CA ASN C 62 -0.26 -7.07 -10.91
C ASN C 62 -0.98 -7.31 -9.59
N GLU C 63 -1.17 -6.22 -8.84
CA GLU C 63 -1.74 -6.37 -7.51
C GLU C 63 -2.94 -5.48 -7.30
N GLY C 64 -3.74 -5.32 -8.37
CA GLY C 64 -4.98 -4.58 -8.19
C GLY C 64 -4.80 -3.16 -7.81
N CYS C 65 -5.41 -2.78 -6.68
CA CYS C 65 -5.28 -1.43 -6.17
C CYS C 65 -4.04 -1.24 -5.30
N ASN C 66 -3.25 -2.28 -5.18
CA ASN C 66 -1.97 -2.21 -4.42
C ASN C 66 -0.76 -2.17 -5.35
N GLY C 67 -1.02 -1.80 -6.63
CA GLY C 67 0.07 -1.54 -7.58
C GLY C 67 0.21 -2.57 -8.69
N GLY C 68 1.17 -2.36 -9.59
CA GLY C 68 1.29 -3.25 -10.73
C GLY C 68 2.28 -2.61 -11.70
N LEU C 69 2.50 -3.26 -12.83
CA LEU C 69 3.49 -2.73 -13.80
C LEU C 69 2.82 -2.72 -15.18
N MET C 70 3.17 -1.72 -15.99
CA MET C 70 2.54 -1.64 -17.36
C MET C 70 2.92 -2.85 -18.20
N ASP C 71 4.16 -3.34 -18.09
CA ASP C 71 4.54 -4.54 -18.85
C ASP C 71 3.62 -5.73 -18.56
N TYR C 72 3.30 -5.96 -17.30
CA TYR C 72 2.44 -7.03 -16.90
C TYR C 72 1.08 -6.86 -17.52
N ALA C 73 0.60 -5.62 -17.59
CA ALA C 73 -0.69 -5.40 -18.20
C ALA C 73 -0.57 -5.77 -19.70
N PHE C 74 0.50 -5.33 -20.37
CA PHE C 74 0.64 -5.72 -21.80
C PHE C 74 0.70 -7.22 -21.93
N GLN C 75 1.42 -7.88 -21.00
CA GLN C 75 1.48 -9.34 -21.05
C GLN C 75 0.09 -9.95 -20.91
N TYR C 76 -0.72 -9.41 -19.99
CA TYR C 76 -2.06 -9.93 -19.81
C TYR C 76 -2.87 -9.79 -21.11
N VAL C 77 -2.78 -8.61 -21.76
CA VAL C 77 -3.57 -8.45 -23.00
C VAL C 77 -3.10 -9.51 -24.03
N GLN C 78 -1.80 -9.74 -24.13
CA GLN C 78 -1.30 -10.82 -25.06
C GLN C 78 -1.85 -12.18 -24.72
N ASP C 79 -1.69 -12.54 -23.44
CA ASP C 79 -2.16 -13.86 -22.97
C ASP C 79 -3.63 -14.13 -23.02
N ASN C 80 -4.40 -13.10 -22.70
CA ASN C 80 -5.84 -13.18 -22.68
C ASN C 80 -6.43 -13.06 -24.09
N GLY C 81 -5.63 -12.59 -25.02
CA GLY C 81 -6.15 -12.37 -26.37
C GLY C 81 -7.06 -11.19 -26.58
N GLY C 82 -7.08 -10.24 -25.65
CA GLY C 82 -7.91 -9.02 -25.85
C GLY C 82 -8.03 -8.21 -24.57
N LEU C 83 -8.66 -7.05 -24.71
CA LEU C 83 -8.95 -6.18 -23.52
C LEU C 83 -10.23 -5.46 -23.88
N ASP C 84 -11.14 -5.39 -22.91
CA ASP C 84 -12.42 -4.74 -23.06
C ASP C 84 -12.35 -3.25 -23.06
N SER C 85 -13.27 -2.67 -23.85
CA SER C 85 -13.42 -1.25 -23.86
C SER C 85 -13.85 -0.73 -22.48
N GLU C 86 -13.55 0.52 -22.21
CA GLU C 86 -14.03 1.22 -20.99
C GLU C 86 -15.53 1.20 -20.80
N GLU C 87 -16.22 1.41 -21.92
CA GLU C 87 -17.69 1.46 -21.81
C GLU C 87 -18.27 0.14 -21.37
N SER C 88 -17.69 -0.95 -21.87
CA SER C 88 -18.18 -2.27 -21.52
C SER C 88 -17.74 -2.82 -20.14
N TYR C 89 -16.77 -2.14 -19.53
CA TYR C 89 -16.19 -2.70 -18.29
C TYR C 89 -15.72 -1.45 -17.57
N PRO C 90 -16.66 -0.78 -16.93
CA PRO C 90 -16.37 0.49 -16.27
C PRO C 90 -15.54 0.50 -15.05
N TYR C 91 -14.98 1.66 -14.80
CA TYR C 91 -14.08 1.81 -13.62
C TYR C 91 -14.79 1.95 -12.27
N GLU C 92 -14.36 1.13 -11.31
CA GLU C 92 -14.96 1.08 -9.97
C GLU C 92 -13.99 1.46 -8.82
N ALA C 93 -12.72 1.64 -9.18
CA ALA C 93 -11.69 2.06 -8.17
C ALA C 93 -11.55 1.14 -6.97
N THR C 94 -11.85 -0.16 -7.16
CA THR C 94 -11.66 -1.22 -6.15
C THR C 94 -11.45 -2.49 -6.97
N GLU C 95 -10.68 -3.41 -6.44
CA GLU C 95 -10.39 -4.62 -7.11
C GLU C 95 -11.56 -5.58 -7.01
N GLU C 96 -12.12 -5.96 -8.15
CA GLU C 96 -13.25 -6.87 -8.24
C GLU C 96 -12.95 -8.15 -9.02
N SER C 97 -13.92 -9.04 -9.08
CA SER C 97 -13.72 -10.28 -9.81
C SER C 97 -13.51 -10.08 -11.31
N CYS C 98 -12.73 -10.95 -11.90
CA CYS C 98 -12.46 -10.80 -13.35
C CYS C 98 -13.74 -11.09 -14.12
N LYS C 99 -14.18 -10.10 -14.88
CA LYS C 99 -15.43 -10.24 -15.68
C LYS C 99 -15.20 -9.96 -17.16
N TYR C 100 -13.97 -10.18 -17.61
CA TYR C 100 -13.65 -10.01 -19.06
C TYR C 100 -14.63 -10.78 -19.94
N ASN C 101 -15.11 -10.10 -20.99
CA ASN C 101 -15.99 -10.65 -21.98
C ASN C 101 -15.35 -10.40 -23.33
N PRO C 102 -14.98 -11.47 -23.98
CA PRO C 102 -14.30 -11.36 -25.29
C PRO C 102 -15.12 -10.65 -26.39
N LYS C 103 -16.43 -10.63 -26.18
CA LYS C 103 -17.33 -9.98 -27.12
C LYS C 103 -17.05 -8.54 -27.18
N TYR C 104 -16.65 -7.97 -26.02
CA TYR C 104 -16.30 -6.54 -26.01
C TYR C 104 -14.86 -6.16 -26.06
N SER C 105 -14.00 -7.06 -26.53
CA SER C 105 -12.58 -6.77 -26.73
C SER C 105 -12.41 -5.89 -27.92
N VAL C 106 -11.75 -4.76 -27.70
CA VAL C 106 -11.51 -3.79 -28.75
C VAL C 106 -10.01 -3.52 -28.94
N ALA C 107 -9.18 -4.25 -28.22
CA ALA C 107 -7.75 -4.05 -28.35
C ALA C 107 -7.02 -5.38 -28.18
N ASN C 108 -5.78 -5.43 -28.63
CA ASN C 108 -4.95 -6.64 -28.44
C ASN C 108 -3.50 -6.26 -28.60
N ASP C 109 -2.65 -7.11 -28.06
CA ASP C 109 -1.23 -6.88 -28.29
C ASP C 109 -0.49 -8.18 -28.31
N ALA C 110 0.74 -8.10 -28.82
CA ALA C 110 1.56 -9.32 -28.95
C ALA C 110 2.73 -9.42 -27.98
N GLY C 111 2.78 -8.45 -27.07
CA GLY C 111 3.85 -8.33 -26.11
C GLY C 111 4.16 -6.83 -25.95
N PHE C 112 5.43 -6.55 -25.72
CA PHE C 112 5.84 -5.19 -25.43
C PHE C 112 7.35 -5.03 -25.66
N VAL C 113 7.74 -3.79 -25.79
CA VAL C 113 9.15 -3.41 -26.00
C VAL C 113 9.62 -2.48 -24.89
N ASP C 114 10.69 -2.87 -24.21
CA ASP C 114 11.26 -2.05 -23.15
C ASP C 114 12.33 -1.17 -23.79
N ILE C 115 12.21 0.11 -23.55
CA ILE C 115 13.10 1.14 -24.05
C ILE C 115 14.35 1.21 -23.20
N PRO C 116 15.55 1.36 -23.84
CA PRO C 116 16.84 1.46 -23.13
C PRO C 116 16.65 2.59 -22.11
N LYS C 117 17.38 2.51 -20.98
CA LYS C 117 17.25 3.49 -19.90
C LYS C 117 17.97 4.78 -20.10
N GLN C 118 17.65 5.49 -21.15
CA GLN C 118 18.32 6.74 -21.54
C GLN C 118 17.22 7.65 -22.03
N GLU C 119 17.31 8.92 -21.69
CA GLU C 119 16.29 9.91 -22.18
C GLU C 119 16.40 10.06 -23.71
N LYS C 120 17.61 9.84 -24.28
CA LYS C 120 17.67 9.93 -25.74
C LYS C 120 16.84 8.80 -26.40
N ALA C 121 16.85 7.59 -25.86
CA ALA C 121 16.15 6.46 -26.40
C ALA C 121 14.64 6.72 -26.20
N LEU C 122 14.31 7.28 -25.05
CA LEU C 122 12.89 7.62 -24.78
C LEU C 122 12.35 8.64 -25.77
N MET C 123 13.17 9.68 -26.03
CA MET C 123 12.80 10.66 -27.00
C MET C 123 12.54 9.96 -28.36
N LYS C 124 13.43 9.04 -28.75
CA LYS C 124 13.25 8.41 -30.04
C LYS C 124 11.94 7.63 -30.07
N ALA C 125 11.63 6.95 -28.99
CA ALA C 125 10.43 6.19 -28.98
C ALA C 125 9.23 7.10 -29.01
N VAL C 126 9.20 8.20 -28.26
CA VAL C 126 7.98 9.05 -28.30
C VAL C 126 7.80 9.60 -29.73
N ALA C 127 8.91 9.95 -30.37
CA ALA C 127 8.76 10.54 -31.72
C ALA C 127 8.31 9.53 -32.77
N THR C 128 8.83 8.35 -32.68
CA THR C 128 8.59 7.37 -33.71
C THR C 128 7.51 6.33 -33.45
N VAL C 129 7.13 6.16 -32.17
CA VAL C 129 6.16 5.14 -31.82
C VAL C 129 4.82 5.71 -31.39
N GLY C 130 4.81 6.69 -30.51
CA GLY C 130 3.57 7.26 -30.04
C GLY C 130 3.69 7.39 -28.51
N PRO C 131 2.59 7.58 -27.81
CA PRO C 131 2.64 7.69 -26.35
C PRO C 131 3.30 6.46 -25.72
N ILE C 132 4.16 6.72 -24.70
CA ILE C 132 4.98 5.64 -24.08
C ILE C 132 4.65 5.56 -22.56
N SER C 133 4.52 4.37 -22.07
CA SER C 133 4.27 4.23 -20.63
C SER C 133 5.59 4.39 -19.88
N VAL C 134 5.52 5.14 -18.77
CA VAL C 134 6.76 5.33 -17.94
C VAL C 134 6.39 5.32 -16.48
N ALA C 135 7.35 4.98 -15.62
CA ALA C 135 7.16 5.07 -14.18
C ALA C 135 8.01 6.29 -13.71
N ILE C 136 7.48 7.03 -12.75
CA ILE C 136 8.20 8.17 -12.20
C ILE C 136 8.10 8.19 -10.69
N ASP C 137 9.05 8.91 -10.08
CA ASP C 137 8.94 9.20 -8.63
C ASP C 137 7.99 10.38 -8.50
N ALA C 138 6.76 10.13 -8.02
CA ALA C 138 5.73 11.15 -7.85
C ALA C 138 5.41 11.31 -6.38
N GLY C 139 6.32 10.89 -5.53
CA GLY C 139 5.97 10.87 -4.08
C GLY C 139 6.31 12.05 -3.28
N HIS C 140 6.52 13.16 -3.90
CA HIS C 140 6.87 14.37 -3.20
C HIS C 140 5.73 15.32 -3.10
N GLU C 141 5.76 16.12 -2.03
CA GLU C 141 4.76 17.19 -1.91
C GLU C 141 4.69 18.11 -3.19
N SER C 142 5.86 18.45 -3.75
CA SER C 142 5.85 19.32 -4.94
C SER C 142 4.99 18.74 -6.06
N PHE C 143 4.91 17.43 -6.20
CA PHE C 143 4.13 16.82 -7.30
C PHE C 143 2.62 16.95 -7.01
N LEU C 144 2.22 16.75 -5.75
CA LEU C 144 0.80 16.94 -5.39
C LEU C 144 0.38 18.35 -5.76
N PHE C 145 1.24 19.34 -5.48
CA PHE C 145 0.91 20.75 -5.71
C PHE C 145 1.26 21.32 -7.10
N TYR C 146 1.78 20.48 -8.00
CA TYR C 146 2.15 20.95 -9.31
C TYR C 146 1.02 21.65 -10.04
N LYS C 147 1.25 22.85 -10.55
CA LYS C 147 0.17 23.47 -11.38
C LYS C 147 0.67 23.96 -12.69
N GLU C 148 1.85 24.53 -12.69
CA GLU C 148 2.35 25.08 -13.97
C GLU C 148 3.87 25.03 -14.15
N GLY C 149 4.30 25.30 -15.35
CA GLY C 149 5.71 25.31 -15.61
C GLY C 149 6.31 23.93 -15.74
N ILE C 150 7.63 23.87 -15.70
CA ILE C 150 8.29 22.56 -15.81
C ILE C 150 8.56 22.04 -14.41
N TYR C 151 8.07 20.85 -14.11
CA TYR C 151 8.32 20.28 -12.83
C TYR C 151 9.77 19.79 -12.65
N PHE C 152 10.39 20.29 -11.55
CA PHE C 152 11.73 19.83 -11.20
C PHE C 152 11.77 19.73 -9.64
N GLU C 153 12.07 18.54 -9.16
CA GLU C 153 12.11 18.31 -7.68
C GLU C 153 13.53 17.80 -7.43
N PRO C 154 14.37 18.60 -6.79
CA PRO C 154 15.76 18.14 -6.55
C PRO C 154 15.89 16.82 -5.79
N ASP C 155 14.86 16.45 -5.04
CA ASP C 155 14.89 15.21 -4.29
C ASP C 155 14.33 14.02 -5.06
N CYS C 156 14.01 14.21 -6.33
CA CYS C 156 13.46 13.08 -7.10
C CYS C 156 14.42 11.98 -7.26
N SER C 157 13.95 10.74 -7.22
CA SER C 157 14.74 9.57 -7.40
C SER C 157 14.69 9.11 -8.87
N SER C 158 15.81 8.60 -9.36
CA SER C 158 15.87 8.12 -10.71
C SER C 158 15.70 6.62 -10.71
N GLU C 159 15.62 5.98 -9.53
CA GLU C 159 15.50 4.56 -9.47
C GLU C 159 14.33 4.02 -8.76
N ASP C 160 13.75 4.77 -7.83
CA ASP C 160 12.65 4.20 -7.16
C ASP C 160 11.40 4.94 -7.57
N MET C 161 10.71 4.32 -8.52
CA MET C 161 9.51 4.96 -9.03
C MET C 161 8.27 4.34 -8.46
N ASP C 162 7.38 5.23 -8.08
CA ASP C 162 6.12 4.83 -7.40
C ASP C 162 4.88 5.17 -8.11
N HIS C 163 4.99 5.61 -9.36
CA HIS C 163 3.73 6.03 -10.05
C HIS C 163 3.89 5.80 -11.52
N GLY C 164 2.88 5.29 -12.21
CA GLY C 164 2.98 5.09 -13.66
C GLY C 164 2.12 6.08 -14.43
N VAL C 165 2.69 6.64 -15.50
CA VAL C 165 2.04 7.72 -16.21
C VAL C 165 2.32 7.54 -17.69
N LEU C 166 2.06 8.54 -18.51
CA LEU C 166 2.15 8.30 -19.97
C LEU C 166 2.78 9.49 -20.61
N VAL C 167 3.91 9.30 -21.34
CA VAL C 167 4.52 10.44 -22.01
C VAL C 167 3.83 10.58 -23.38
N VAL C 168 3.21 11.72 -23.62
CA VAL C 168 2.54 11.93 -24.91
C VAL C 168 3.28 12.86 -25.83
N GLY C 169 4.44 13.36 -25.36
CA GLY C 169 5.16 14.29 -26.17
C GLY C 169 6.30 14.93 -25.40
N TYR C 170 6.87 15.97 -26.02
CA TYR C 170 7.96 16.72 -25.41
C TYR C 170 8.07 18.07 -26.09
N GLY C 171 8.71 18.99 -25.42
CA GLY C 171 8.82 20.35 -26.02
C GLY C 171 9.74 21.20 -25.20
N PHE C 172 9.61 22.53 -25.38
CA PHE C 172 10.43 23.49 -24.68
C PHE C 172 9.70 24.76 -24.47
N GLU C 173 10.10 25.47 -23.42
CA GLU C 173 9.57 26.78 -23.19
C GLU C 173 10.72 27.62 -22.58
N SER C 174 10.67 28.92 -22.80
CA SER C 174 11.74 29.81 -22.31
C SER C 174 11.61 29.84 -20.83
N THR C 175 12.73 29.76 -20.12
CA THR C 175 12.64 29.83 -18.65
C THR C 175 13.72 30.67 -17.98
N GLU C 176 13.43 31.07 -16.75
CA GLU C 176 14.35 31.90 -15.97
C GLU C 176 15.75 31.28 -15.84
N SER C 177 15.77 29.97 -15.64
CA SER C 177 17.02 29.26 -15.38
C SER C 177 17.60 28.57 -16.56
N ASP C 178 17.01 28.77 -17.76
CA ASP C 178 17.60 28.07 -18.92
C ASP C 178 17.33 26.58 -18.86
N ASP C 179 16.43 26.10 -18.01
CA ASP C 179 16.09 24.65 -18.01
C ASP C 179 14.74 24.68 -18.70
N ASN C 180 14.78 24.43 -20.01
CA ASN C 180 13.66 24.67 -20.92
C ASN C 180 12.95 23.50 -21.45
N LYS C 181 13.50 22.32 -21.29
CA LYS C 181 12.95 21.13 -21.96
C LYS C 181 12.10 20.29 -21.01
N TYR C 182 10.97 19.79 -21.58
CA TYR C 182 10.13 18.96 -20.75
C TYR C 182 9.53 17.82 -21.53
N TRP C 183 9.12 16.81 -20.75
CA TRP C 183 8.34 15.66 -21.28
C TRP C 183 6.87 16.05 -20.97
N LEU C 184 6.01 15.87 -21.96
CA LEU C 184 4.57 16.22 -21.77
C LEU C 184 3.94 14.94 -21.20
N VAL C 185 3.51 14.96 -19.92
CA VAL C 185 3.05 13.72 -19.33
C VAL C 185 1.54 13.77 -18.94
N LYS C 186 0.84 12.74 -19.37
CA LYS C 186 -0.61 12.60 -19.03
C LYS C 186 -0.67 11.83 -17.69
N ASN C 187 -1.30 12.46 -16.69
CA ASN C 187 -1.50 11.76 -15.39
C ASN C 187 -2.92 11.18 -15.36
N SER C 188 -3.27 10.45 -14.30
CA SER C 188 -4.58 9.82 -14.15
C SER C 188 -5.21 10.24 -12.79
N TRP C 189 -5.16 11.54 -12.52
CA TRP C 189 -5.66 12.12 -11.29
C TRP C 189 -6.78 13.12 -11.56
N GLY C 190 -7.41 12.93 -12.73
CA GLY C 190 -8.49 13.86 -13.13
C GLY C 190 -8.02 15.14 -13.79
N GLU C 191 -8.93 15.80 -14.49
CA GLU C 191 -8.52 17.02 -15.19
C GLU C 191 -8.24 18.23 -14.36
N GLU C 192 -8.57 18.24 -13.09
CA GLU C 192 -8.39 19.44 -12.31
C GLU C 192 -7.03 19.66 -11.74
N TRP C 193 -6.37 18.51 -11.51
CA TRP C 193 -5.00 18.50 -11.01
C TRP C 193 -4.02 18.96 -12.14
N GLY C 194 -2.98 19.70 -11.72
CA GLY C 194 -1.91 20.04 -12.68
C GLY C 194 -2.41 20.95 -13.79
N MET C 195 -1.91 20.72 -15.01
CA MET C 195 -2.28 21.52 -16.18
C MET C 195 -3.25 20.66 -16.98
N GLY C 196 -4.52 20.77 -16.59
CA GLY C 196 -5.56 19.98 -17.23
C GLY C 196 -5.35 18.50 -17.01
N GLY C 197 -4.69 18.10 -15.92
CA GLY C 197 -4.43 16.70 -15.71
C GLY C 197 -3.06 16.23 -16.21
N TYR C 198 -2.35 17.12 -16.91
CA TYR C 198 -1.01 16.86 -17.47
C TYR C 198 0.10 17.55 -16.58
N VAL C 199 1.33 17.13 -16.74
CA VAL C 199 2.43 17.76 -16.07
C VAL C 199 3.62 17.77 -17.03
N LYS C 200 4.31 18.92 -17.14
CA LYS C 200 5.49 19.00 -17.98
C LYS C 200 6.64 18.66 -17.02
N MET C 201 7.29 17.53 -17.27
CA MET C 201 8.36 17.04 -16.35
C MET C 201 9.69 17.42 -16.96
N ALA C 202 10.65 17.76 -16.09
CA ALA C 202 11.98 18.21 -16.64
C ALA C 202 12.59 17.12 -17.52
N LYS C 203 13.05 17.57 -18.68
CA LYS C 203 13.65 16.67 -19.68
C LYS C 203 15.15 17.03 -19.82
N ASP C 204 15.94 15.99 -19.92
CA ASP C 204 17.37 16.10 -20.11
C ASP C 204 18.05 16.77 -18.91
N ARG C 205 17.56 16.36 -17.76
CA ARG C 205 18.20 16.82 -16.48
C ARG C 205 18.52 15.55 -15.73
N ARG C 206 19.37 14.72 -16.35
CA ARG C 206 19.83 13.46 -15.83
C ARG C 206 18.73 12.52 -15.39
N ASN C 207 17.76 12.29 -16.29
CA ASN C 207 16.69 11.30 -16.03
C ASN C 207 15.93 11.60 -14.76
N HIS C 208 15.48 12.84 -14.73
CA HIS C 208 14.77 13.42 -13.60
C HIS C 208 13.54 12.58 -13.18
N CYS C 209 13.50 12.11 -11.92
CA CYS C 209 12.38 11.28 -11.41
C CYS C 209 12.27 9.90 -12.07
N GLY C 210 13.32 9.52 -12.82
CA GLY C 210 13.38 8.17 -13.35
C GLY C 210 12.48 7.94 -14.55
N ILE C 211 12.13 9.01 -15.21
CA ILE C 211 11.14 8.87 -16.32
C ILE C 211 11.62 7.92 -17.38
N ALA C 212 12.95 7.85 -17.62
CA ALA C 212 13.42 6.88 -18.63
C ALA C 212 13.81 5.50 -18.06
N SER C 213 13.66 5.27 -16.77
CA SER C 213 14.12 4.01 -16.20
C SER C 213 13.27 2.83 -16.35
N ALA C 214 11.98 2.98 -16.67
CA ALA C 214 11.11 1.84 -16.82
C ALA C 214 10.01 2.24 -17.87
N ALA C 215 10.49 2.60 -19.07
CA ALA C 215 9.64 3.03 -20.17
C ALA C 215 9.39 1.87 -21.18
N SER C 216 8.15 1.74 -21.64
CA SER C 216 7.87 0.63 -22.57
C SER C 216 6.61 0.92 -23.35
N TYR C 217 6.35 0.11 -24.38
CA TYR C 217 5.10 0.30 -25.12
C TYR C 217 4.66 -1.06 -25.64
N PRO C 218 3.33 -1.28 -25.79
CA PRO C 218 2.80 -2.54 -26.28
C PRO C 218 3.02 -2.69 -27.83
N THR C 219 3.32 -3.92 -28.22
CA THR C 219 3.50 -4.21 -29.69
C THR C 219 2.15 -4.68 -30.20
N VAL C 220 1.56 -3.93 -31.14
CA VAL C 220 0.22 -4.23 -31.70
C VAL C 220 0.30 -4.66 -33.21
N MET D 1 -44.05 -21.09 9.42
CA MET D 1 -43.86 -20.16 8.35
C MET D 1 -42.48 -19.54 8.54
N ILE D 2 -41.76 -19.45 7.44
CA ILE D 2 -40.46 -18.86 7.46
C ILE D 2 -40.59 -17.73 6.43
N PRO D 3 -39.70 -16.72 6.48
CA PRO D 3 -39.71 -15.61 5.53
C PRO D 3 -39.59 -16.20 4.13
N GLY D 4 -40.56 -15.82 3.23
CA GLY D 4 -40.58 -16.27 1.86
C GLY D 4 -41.13 -17.66 1.66
N GLY D 5 -41.59 -18.29 2.76
CA GLY D 5 -42.16 -19.62 2.71
C GLY D 5 -43.60 -19.61 2.13
N LEU D 6 -44.14 -20.77 1.84
CA LEU D 6 -45.54 -20.85 1.32
C LEU D 6 -46.48 -20.92 2.54
N SER D 7 -47.68 -20.38 2.39
CA SER D 7 -48.69 -20.49 3.43
C SER D 7 -49.17 -21.94 3.48
N GLU D 8 -50.08 -22.20 4.43
CA GLU D 8 -50.72 -23.53 4.48
C GLU D 8 -51.72 -23.52 3.33
N ALA D 9 -52.12 -24.72 2.91
CA ALA D 9 -53.14 -24.92 1.82
C ALA D 9 -54.53 -24.57 2.30
N LYS D 10 -55.31 -23.93 1.43
CA LYS D 10 -56.73 -23.60 1.71
C LYS D 10 -57.58 -23.91 0.48
N PRO D 11 -58.88 -24.21 0.69
CA PRO D 11 -59.70 -24.48 -0.48
C PRO D 11 -59.79 -23.25 -1.37
N ALA D 12 -59.88 -23.51 -2.69
CA ALA D 12 -60.00 -22.37 -3.60
C ALA D 12 -61.23 -21.52 -3.32
N THR D 13 -61.14 -20.21 -3.55
CA THR D 13 -62.26 -19.27 -3.37
C THR D 13 -62.59 -18.72 -4.72
N PRO D 14 -63.72 -18.04 -4.87
CA PRO D 14 -64.06 -17.45 -6.15
C PRO D 14 -62.94 -16.52 -6.62
N GLU D 15 -62.26 -15.79 -5.71
CA GLU D 15 -61.18 -14.87 -6.12
C GLU D 15 -60.03 -15.68 -6.76
N ILE D 16 -59.76 -16.87 -6.24
CA ILE D 16 -58.69 -17.70 -6.82
C ILE D 16 -59.15 -18.25 -8.16
N GLN D 17 -60.44 -18.66 -8.24
CA GLN D 17 -60.90 -19.09 -9.55
C GLN D 17 -60.77 -17.95 -10.58
N GLU D 18 -61.11 -16.73 -10.19
CA GLU D 18 -60.97 -15.61 -11.10
C GLU D 18 -59.53 -15.49 -11.56
N ILE D 19 -58.59 -15.67 -10.63
CA ILE D 19 -57.15 -15.53 -11.07
C ILE D 19 -56.84 -16.61 -12.13
N VAL D 20 -57.29 -17.83 -11.91
CA VAL D 20 -57.10 -18.94 -12.88
C VAL D 20 -57.73 -18.55 -14.23
N ASP D 21 -59.01 -18.15 -14.23
CA ASP D 21 -59.63 -17.71 -15.50
C ASP D 21 -58.83 -16.61 -16.24
N LYS D 22 -58.26 -15.66 -15.51
CA LYS D 22 -57.56 -14.57 -16.08
C LYS D 22 -56.28 -15.01 -16.74
N VAL D 23 -55.63 -16.02 -16.16
CA VAL D 23 -54.33 -16.42 -16.77
C VAL D 23 -54.47 -17.57 -17.77
N LYS D 24 -55.66 -18.18 -17.93
CA LYS D 24 -55.83 -19.33 -18.84
C LYS D 24 -55.21 -19.07 -20.23
N PRO D 25 -55.38 -17.86 -20.81
CA PRO D 25 -54.79 -17.56 -22.14
C PRO D 25 -53.28 -17.71 -22.12
N GLN D 26 -52.64 -17.33 -21.00
CA GLN D 26 -51.21 -17.57 -20.91
C GLN D 26 -50.85 -19.08 -20.82
N LEU D 27 -51.62 -19.87 -20.08
CA LEU D 27 -51.39 -21.30 -19.98
C LEU D 27 -51.48 -21.97 -21.33
N GLU D 28 -52.48 -21.59 -22.11
CA GLU D 28 -52.70 -22.28 -23.40
C GLU D 28 -51.57 -21.96 -24.35
N GLU D 29 -51.06 -20.74 -24.25
CA GLU D 29 -49.96 -20.26 -25.11
C GLU D 29 -48.68 -21.04 -24.79
N LYS D 30 -48.37 -21.15 -23.49
CA LYS D 30 -47.15 -21.87 -23.09
C LYS D 30 -47.25 -23.37 -23.29
N THR D 31 -48.41 -23.99 -23.00
CA THR D 31 -48.45 -25.42 -23.18
C THR D 31 -48.78 -25.80 -24.64
N ASN D 32 -49.25 -24.81 -25.40
CA ASN D 32 -49.72 -25.08 -26.76
C ASN D 32 -50.90 -26.07 -26.76
N GLU D 33 -51.63 -26.15 -25.63
CA GLU D 33 -52.83 -27.00 -25.58
C GLU D 33 -53.94 -26.08 -25.09
N THR D 34 -55.21 -26.40 -25.35
CA THR D 34 -56.35 -25.62 -24.83
C THR D 34 -56.92 -26.39 -23.69
N TYR D 35 -57.45 -25.68 -22.69
CA TYR D 35 -57.92 -26.46 -21.54
C TYR D 35 -59.38 -26.56 -21.19
N GLY D 36 -60.21 -25.76 -21.85
CA GLY D 36 -61.62 -25.74 -21.49
C GLY D 36 -61.68 -25.16 -20.08
N LYS D 37 -62.58 -25.59 -19.22
CA LYS D 37 -62.61 -24.99 -17.86
C LYS D 37 -61.49 -25.59 -16.92
N LEU D 38 -60.71 -24.74 -16.32
CA LEU D 38 -59.68 -25.21 -15.38
C LEU D 38 -60.34 -24.81 -14.09
N GLU D 39 -60.58 -25.78 -13.23
CA GLU D 39 -61.29 -25.51 -11.96
C GLU D 39 -60.30 -25.43 -10.81
N ALA D 40 -60.26 -24.29 -10.12
CA ALA D 40 -59.32 -24.13 -8.98
C ALA D 40 -59.85 -25.02 -7.84
N VAL D 41 -58.98 -25.76 -7.14
CA VAL D 41 -59.40 -26.66 -6.05
C VAL D 41 -58.79 -26.24 -4.69
N GLN D 42 -57.50 -25.90 -4.71
CA GLN D 42 -56.82 -25.59 -3.43
C GLN D 42 -55.73 -24.61 -3.78
N TYR D 43 -55.27 -23.84 -2.79
CA TYR D 43 -54.18 -22.89 -3.12
C TYR D 43 -53.32 -22.57 -1.91
N LYS D 44 -52.07 -22.12 -2.17
CA LYS D 44 -51.16 -21.54 -1.17
C LYS D 44 -50.76 -20.19 -1.68
N THR D 45 -50.32 -19.32 -0.77
CA THR D 45 -49.75 -18.00 -1.23
C THR D 45 -48.34 -17.87 -0.67
N GLN D 46 -47.57 -16.96 -1.27
CA GLN D 46 -46.14 -16.78 -0.86
C GLN D 46 -45.87 -15.32 -1.11
N VAL D 47 -45.29 -14.64 -0.12
CA VAL D 47 -44.91 -13.26 -0.32
C VAL D 47 -43.53 -13.19 -1.01
N VAL D 48 -43.41 -12.46 -2.13
CA VAL D 48 -42.11 -12.24 -2.81
C VAL D 48 -42.10 -10.74 -3.02
N ALA D 49 -41.49 -10.18 -4.09
CA ALA D 49 -41.68 -8.76 -4.40
C ALA D 49 -43.03 -8.67 -5.12
N GLY D 50 -44.06 -8.95 -4.32
CA GLY D 50 -45.37 -9.12 -4.89
C GLY D 50 -45.87 -10.42 -4.28
N THR D 51 -46.79 -11.14 -4.97
CA THR D 51 -47.35 -12.34 -4.38
C THR D 51 -47.35 -13.53 -5.35
N ASN D 52 -46.89 -14.70 -4.94
CA ASN D 52 -47.09 -15.85 -5.84
C ASN D 52 -48.25 -16.70 -5.30
N TYR D 53 -49.09 -17.21 -6.21
CA TYR D 53 -50.22 -18.13 -5.82
C TYR D 53 -49.92 -19.44 -6.39
N TYR D 54 -49.93 -20.48 -5.58
CA TYR D 54 -49.70 -21.83 -6.09
C TYR D 54 -51.10 -22.41 -6.05
N ILE D 55 -51.64 -22.73 -7.22
CA ILE D 55 -53.02 -23.19 -7.34
C ILE D 55 -53.18 -24.56 -8.00
N LYS D 56 -53.81 -25.49 -7.28
CA LYS D 56 -54.07 -26.80 -7.80
C LYS D 56 -55.36 -26.67 -8.60
N VAL D 57 -55.29 -26.99 -9.87
CA VAL D 57 -56.44 -26.95 -10.74
C VAL D 57 -56.76 -28.31 -11.33
N ARG D 58 -58.03 -28.55 -11.58
CA ARG D 58 -58.52 -29.76 -12.17
C ARG D 58 -58.87 -29.42 -13.62
N ALA D 59 -58.41 -30.24 -14.56
CA ALA D 59 -58.65 -30.02 -15.94
C ALA D 59 -59.46 -31.15 -16.52
N GLY D 60 -59.47 -31.23 -17.83
CA GLY D 60 -60.23 -32.27 -18.47
C GLY D 60 -59.62 -33.64 -18.39
N ASP D 61 -60.50 -34.62 -18.46
CA ASP D 61 -60.11 -36.00 -18.41
C ASP D 61 -59.49 -36.21 -17.04
N ASN D 62 -60.02 -35.49 -16.05
CA ASN D 62 -59.64 -35.56 -14.65
C ASN D 62 -58.17 -35.43 -14.30
N LYS D 63 -57.44 -34.65 -15.07
CA LYS D 63 -56.03 -34.41 -14.86
C LYS D 63 -55.86 -33.22 -13.93
N TYR D 64 -54.79 -33.16 -13.15
CA TYR D 64 -54.56 -32.00 -12.30
C TYR D 64 -53.28 -31.29 -12.70
N MET D 65 -53.20 -30.01 -12.39
CA MET D 65 -51.98 -29.24 -12.61
C MET D 65 -51.81 -28.30 -11.43
N HIS D 66 -50.58 -27.88 -11.17
CA HIS D 66 -50.32 -26.89 -10.15
C HIS D 66 -49.82 -25.66 -10.90
N LEU D 67 -50.53 -24.55 -10.78
CA LEU D 67 -50.15 -23.34 -11.43
C LEU D 67 -49.42 -22.40 -10.48
N LYS D 68 -48.41 -21.70 -11.00
CA LYS D 68 -47.79 -20.65 -10.20
C LYS D 68 -48.10 -19.35 -10.87
N VAL D 69 -48.78 -18.49 -10.13
CA VAL D 69 -49.22 -17.20 -10.67
C VAL D 69 -48.71 -16.04 -9.89
N PHE D 70 -47.96 -15.19 -10.58
CA PHE D 70 -47.38 -14.02 -9.91
C PHE D 70 -48.26 -12.80 -10.04
N LYS D 71 -48.73 -12.26 -8.91
CA LYS D 71 -49.49 -10.99 -8.93
C LYS D 71 -48.49 -9.85 -8.72
N SER D 72 -48.27 -9.04 -9.76
CA SER D 72 -47.29 -7.99 -9.69
C SER D 72 -47.59 -6.93 -8.61
N LEU D 73 -46.57 -6.14 -8.28
CA LEU D 73 -46.81 -5.06 -7.31
C LEU D 73 -47.68 -3.96 -7.97
N PRO D 74 -48.26 -3.09 -7.17
CA PRO D 74 -49.13 -2.00 -7.63
C PRO D 74 -48.54 -1.12 -8.75
N GLY D 75 -47.22 -0.89 -8.66
CA GLY D 75 -46.49 -0.14 -9.69
C GLY D 75 -46.57 -0.76 -11.06
N GLN D 76 -46.84 -2.07 -11.13
CA GLN D 76 -46.98 -2.81 -12.38
C GLN D 76 -48.44 -3.21 -12.55
N ASN D 77 -49.33 -2.38 -11.98
CA ASN D 77 -50.78 -2.60 -12.10
C ASN D 77 -51.32 -3.92 -11.56
N GLU D 78 -50.58 -4.57 -10.66
CA GLU D 78 -51.01 -5.88 -10.15
C GLU D 78 -51.25 -6.91 -11.29
N ASP D 79 -50.50 -6.76 -12.40
CA ASP D 79 -50.65 -7.65 -13.54
C ASP D 79 -50.40 -9.11 -13.12
N LEU D 80 -51.27 -10.01 -13.55
CA LEU D 80 -51.15 -11.40 -13.26
C LEU D 80 -50.33 -12.07 -14.33
N VAL D 81 -49.34 -12.82 -13.93
CA VAL D 81 -48.41 -13.50 -14.87
C VAL D 81 -48.26 -14.95 -14.49
N LEU D 82 -48.48 -15.84 -15.46
CA LEU D 82 -48.36 -17.27 -15.16
C LEU D 82 -46.87 -17.55 -15.31
N THR D 83 -46.21 -17.80 -14.20
CA THR D 83 -44.75 -17.94 -14.27
C THR D 83 -44.23 -19.36 -14.24
N GLY D 84 -45.12 -20.36 -14.01
CA GLY D 84 -44.69 -21.72 -14.03
C GLY D 84 -45.85 -22.58 -13.77
N TYR D 85 -45.73 -23.88 -14.03
CA TYR D 85 -46.81 -24.82 -13.69
C TYR D 85 -46.22 -26.21 -13.71
N GLN D 86 -46.89 -27.11 -13.02
CA GLN D 86 -46.45 -28.53 -13.01
C GLN D 86 -47.62 -29.34 -13.52
N VAL D 87 -47.42 -30.16 -14.56
CA VAL D 87 -48.49 -30.98 -15.12
C VAL D 87 -48.50 -32.43 -14.57
N ASP D 88 -49.53 -33.19 -14.92
CA ASP D 88 -49.69 -34.59 -14.49
C ASP D 88 -49.69 -34.76 -12.99
N LYS D 89 -50.33 -33.83 -12.26
CA LYS D 89 -50.34 -33.97 -10.81
C LYS D 89 -51.54 -34.84 -10.41
N ASN D 90 -51.50 -35.34 -9.20
CA ASN D 90 -52.59 -36.14 -8.63
C ASN D 90 -53.41 -35.21 -7.77
N LYS D 91 -54.69 -35.56 -7.62
CA LYS D 91 -55.63 -34.85 -6.83
C LYS D 91 -55.06 -34.54 -5.47
N ASP D 92 -54.44 -35.54 -4.81
CA ASP D 92 -53.97 -35.29 -3.45
C ASP D 92 -52.54 -34.83 -3.33
N ASP D 93 -51.84 -34.62 -4.43
CA ASP D 93 -50.43 -34.11 -4.35
C ASP D 93 -50.33 -32.81 -3.58
N GLU D 94 -49.26 -32.70 -2.79
CA GLU D 94 -49.03 -31.49 -2.03
C GLU D 94 -48.69 -30.30 -2.94
N LEU D 95 -49.15 -29.12 -2.57
CA LEU D 95 -48.74 -27.90 -3.30
C LEU D 95 -47.37 -27.51 -2.71
N THR D 96 -46.30 -27.59 -3.48
CA THR D 96 -44.94 -27.20 -2.96
C THR D 96 -44.39 -26.18 -3.91
N GLY D 97 -43.49 -25.32 -3.44
CA GLY D 97 -42.92 -24.28 -4.27
C GLY D 97 -42.05 -24.84 -5.37
N PHE D 98 -41.98 -24.07 -6.45
CA PHE D 98 -41.20 -24.45 -7.63
C PHE D 98 -41.02 -23.27 -8.50
N MET E 1 40.37 -6.01 2.15
CA MET E 1 40.58 -4.70 2.74
C MET E 1 39.52 -4.43 3.81
N ILE E 2 39.97 -3.88 4.91
CA ILE E 2 39.08 -3.46 5.98
C ILE E 2 39.41 -1.98 6.16
N PRO E 3 38.47 -1.18 6.71
CA PRO E 3 38.71 0.23 6.94
C PRO E 3 40.03 0.38 7.74
N GLY E 4 40.94 1.25 7.24
CA GLY E 4 42.21 1.48 7.90
C GLY E 4 43.24 0.40 7.65
N GLY E 5 42.88 -0.64 6.90
CA GLY E 5 43.83 -1.71 6.61
C GLY E 5 44.87 -1.29 5.56
N LEU E 6 45.91 -2.12 5.38
CA LEU E 6 46.95 -1.79 4.37
C LEU E 6 46.47 -2.39 3.04
N SER E 7 46.90 -1.76 1.96
CA SER E 7 46.59 -2.25 0.61
C SER E 7 47.46 -3.48 0.33
N GLU E 8 47.24 -4.10 -0.85
CA GLU E 8 48.11 -5.23 -1.23
C GLU E 8 49.42 -4.60 -1.63
N ALA E 9 50.48 -5.44 -1.66
CA ALA E 9 51.81 -4.99 -2.02
C ALA E 9 51.90 -4.76 -3.53
N LYS E 10 52.65 -3.74 -3.93
CA LYS E 10 52.89 -3.48 -5.37
C LYS E 10 54.36 -3.12 -5.56
N PRO E 11 54.86 -3.32 -6.79
CA PRO E 11 56.26 -2.97 -6.94
C PRO E 11 56.45 -1.48 -6.83
N ALA E 12 57.62 -1.06 -6.35
CA ALA E 12 57.86 0.38 -6.22
C ALA E 12 57.82 1.11 -7.56
N THR E 13 57.29 2.33 -7.57
CA THR E 13 57.23 3.18 -8.78
C THR E 13 58.18 4.34 -8.58
N PRO E 14 58.44 5.13 -9.63
CA PRO E 14 59.31 6.27 -9.47
C PRO E 14 58.78 7.22 -8.39
N GLU E 15 57.45 7.37 -8.30
CA GLU E 15 56.84 8.27 -7.29
C GLU E 15 57.21 7.77 -5.89
N ILE E 16 57.27 6.44 -5.72
CA ILE E 16 57.60 5.86 -4.37
C ILE E 16 59.10 6.07 -4.11
N GLN E 17 59.92 5.98 -5.19
CA GLN E 17 61.35 6.22 -4.94
C GLN E 17 61.56 7.68 -4.55
N GLU E 18 60.81 8.56 -5.18
CA GLU E 18 60.91 9.98 -4.87
C GLU E 18 60.55 10.20 -3.40
N ILE E 19 59.49 9.51 -2.91
CA ILE E 19 59.14 9.73 -1.46
C ILE E 19 60.31 9.26 -0.56
N VAL E 20 60.94 8.15 -0.90
CA VAL E 20 62.10 7.61 -0.16
C VAL E 20 63.26 8.61 -0.22
N ASP E 21 63.62 9.10 -1.41
CA ASP E 21 64.70 10.10 -1.45
C ASP E 21 64.36 11.38 -0.64
N LYS E 22 63.10 11.78 -0.60
CA LYS E 22 62.75 12.98 0.11
C LYS E 22 62.88 12.78 1.64
N VAL E 23 62.63 11.58 2.14
CA VAL E 23 62.67 11.42 3.62
C VAL E 23 64.02 10.88 4.10
N LYS E 24 64.93 10.56 3.17
CA LYS E 24 66.22 10.00 3.62
C LYS E 24 66.90 10.83 4.74
N PRO E 25 66.94 12.16 4.60
CA PRO E 25 67.57 12.97 5.65
C PRO E 25 66.94 12.70 7.02
N GLN E 26 65.62 12.46 7.06
CA GLN E 26 65.04 12.10 8.34
C GLN E 26 65.51 10.71 8.87
N LEU E 27 65.61 9.71 7.99
CA LEU E 27 66.09 8.40 8.37
C LEU E 27 67.49 8.47 8.92
N GLU E 28 68.30 9.33 8.34
CA GLU E 28 69.72 9.35 8.75
C GLU E 28 69.80 9.95 10.13
N GLU E 29 68.91 10.91 10.38
CA GLU E 29 68.92 11.65 11.68
C GLU E 29 68.45 10.71 12.80
N LYS E 30 67.37 9.97 12.51
CA LYS E 30 66.85 9.06 13.54
C LYS E 30 67.75 7.85 13.77
N THR E 31 68.37 7.33 12.70
CA THR E 31 69.15 6.13 12.96
C THR E 31 70.58 6.50 13.34
N ASN E 32 70.92 7.76 13.09
CA ASN E 32 72.28 8.29 13.33
C ASN E 32 73.28 7.54 12.46
N GLU E 33 72.80 7.03 11.33
CA GLU E 33 73.64 6.30 10.40
C GLU E 33 73.34 6.88 9.02
N THR E 34 74.29 6.78 8.08
CA THR E 34 74.06 7.24 6.71
C THR E 34 73.87 6.07 5.81
N TYR E 35 72.99 6.29 4.83
CA TYR E 35 72.69 5.30 3.82
C TYR E 35 72.98 6.04 2.51
N GLY E 36 73.80 5.47 1.63
CA GLY E 36 73.96 6.12 0.34
C GLY E 36 72.59 5.95 -0.34
N LYS E 37 72.46 5.22 -1.43
CA LYS E 37 71.10 5.05 -1.99
C LYS E 37 70.25 3.98 -1.22
N LEU E 38 69.00 4.35 -1.02
CA LEU E 38 68.03 3.50 -0.39
C LEU E 38 67.16 3.26 -1.59
N GLU E 39 67.09 2.03 -2.05
CA GLU E 39 66.31 1.71 -3.25
C GLU E 39 64.96 1.17 -2.90
N ALA E 40 63.89 1.84 -3.36
CA ALA E 40 62.53 1.36 -3.04
C ALA E 40 62.27 0.12 -3.90
N VAL E 41 61.69 -0.91 -3.29
CA VAL E 41 61.44 -2.18 -3.93
C VAL E 41 59.95 -2.51 -4.06
N GLN E 42 59.21 -2.32 -2.95
CA GLN E 42 57.81 -2.76 -2.92
C GLN E 42 57.14 -1.83 -1.94
N TYR E 43 55.82 -1.68 -2.07
CA TYR E 43 55.14 -0.78 -1.12
C TYR E 43 53.69 -1.12 -0.99
N LYS E 44 53.13 -0.71 0.17
CA LYS E 44 51.69 -0.75 0.48
C LYS E 44 51.26 0.65 0.91
N THR E 45 49.94 0.92 0.80
CA THR E 45 49.45 2.22 1.29
C THR E 45 48.30 1.92 2.27
N GLN E 46 47.99 2.92 3.09
CA GLN E 46 46.96 2.80 4.16
C GLN E 46 46.40 4.19 4.30
N VAL E 47 45.06 4.29 4.29
CA VAL E 47 44.43 5.57 4.49
C VAL E 47 44.33 5.84 6.01
N VAL E 48 44.83 7.00 6.47
CA VAL E 48 44.64 7.38 7.88
C VAL E 48 44.07 8.80 7.80
N ALA E 49 44.39 9.78 8.69
CA ALA E 49 44.04 11.18 8.43
C ALA E 49 45.15 11.70 7.52
N GLY E 50 45.13 11.17 6.29
CA GLY E 50 46.25 11.41 5.42
C GLY E 50 46.58 10.01 4.92
N THR E 51 47.87 9.77 4.53
CA THR E 51 48.18 8.46 3.94
C THR E 51 49.51 7.91 4.51
N ASN E 52 49.52 6.67 4.94
CA ASN E 52 50.84 6.10 5.33
C ASN E 52 51.31 5.22 4.17
N TYR E 53 52.62 5.28 3.85
CA TYR E 53 53.24 4.36 2.81
C TYR E 53 54.17 3.46 3.53
N TYR E 54 54.03 2.16 3.36
CA TYR E 54 54.93 1.19 3.96
C TYR E 54 55.79 0.78 2.77
N ILE E 55 57.10 1.04 2.89
CA ILE E 55 57.97 0.81 1.68
C ILE E 55 59.15 -0.08 2.05
N LYS E 56 59.32 -1.19 1.29
CA LYS E 56 60.50 -2.03 1.49
C LYS E 56 61.62 -1.35 0.69
N VAL E 57 62.76 -1.03 1.33
CA VAL E 57 63.90 -0.41 0.66
C VAL E 57 65.13 -1.33 0.89
N ARG E 58 65.97 -1.36 -0.16
CA ARG E 58 67.19 -2.15 -0.10
C ARG E 58 68.32 -1.09 0.09
N ALA E 59 69.21 -1.36 1.04
CA ALA E 59 70.31 -0.46 1.34
C ALA E 59 71.66 -1.20 1.10
N GLY E 60 72.79 -0.52 1.31
CA GLY E 60 74.08 -1.17 1.17
C GLY E 60 74.22 -2.45 1.99
N ASP E 61 75.19 -3.23 1.56
CA ASP E 61 75.47 -4.51 2.17
C ASP E 61 74.21 -5.35 2.09
N ASN E 62 73.40 -5.10 1.03
CA ASN E 62 72.10 -5.72 0.71
C ASN E 62 71.19 -6.00 1.91
N LYS E 63 71.17 -5.05 2.83
CA LYS E 63 70.28 -5.07 3.98
C LYS E 63 68.93 -4.49 3.51
N TYR E 64 67.82 -4.88 4.13
CA TYR E 64 66.51 -4.29 3.72
C TYR E 64 65.89 -3.65 4.95
N MET E 65 65.12 -2.58 4.74
CA MET E 65 64.40 -1.94 5.88
C MET E 65 62.98 -1.74 5.41
N HIS E 66 62.04 -1.59 6.34
CA HIS E 66 60.66 -1.25 5.90
C HIS E 66 60.47 0.14 6.48
N LEU E 67 60.19 1.15 5.65
CA LEU E 67 59.91 2.48 6.10
C LEU E 67 58.42 2.79 6.19
N LYS E 68 58.02 3.56 7.22
CA LYS E 68 56.65 4.06 7.26
C LYS E 68 56.74 5.55 7.08
N VAL E 69 56.10 6.04 6.01
CA VAL E 69 56.14 7.45 5.72
C VAL E 69 54.73 7.99 5.68
N PHE E 70 54.53 9.03 6.45
CA PHE E 70 53.21 9.69 6.51
C PHE E 70 53.18 10.89 5.58
N LYS E 71 52.23 10.86 4.63
CA LYS E 71 52.04 12.03 3.76
C LYS E 71 50.92 12.83 4.41
N SER E 72 51.23 14.02 4.89
CA SER E 72 50.26 14.81 5.61
C SER E 72 49.07 15.24 4.70
N LEU E 73 47.99 15.68 5.34
CA LEU E 73 46.86 16.19 4.55
C LEU E 73 47.27 17.55 3.92
N PRO E 74 46.51 18.00 2.93
CA PRO E 74 46.74 19.26 2.21
C PRO E 74 46.90 20.46 3.10
N GLY E 75 46.10 20.52 4.16
CA GLY E 75 46.25 21.60 5.14
C GLY E 75 47.59 21.69 5.80
N GLN E 76 48.38 20.63 5.73
CA GLN E 76 49.75 20.61 6.28
C GLN E 76 50.74 20.46 5.08
N ASN E 77 50.33 20.97 3.93
CA ASN E 77 51.17 21.00 2.72
C ASN E 77 51.63 19.62 2.23
N GLU E 78 50.92 18.56 2.61
CA GLU E 78 51.33 17.21 2.19
C GLU E 78 52.74 16.82 2.63
N ASP E 79 53.16 17.46 3.71
CA ASP E 79 54.54 17.24 4.25
C ASP E 79 54.76 15.75 4.48
N LEU E 80 55.92 15.23 4.00
CA LEU E 80 56.24 13.84 4.21
C LEU E 80 57.03 13.70 5.51
N VAL E 81 56.60 12.78 6.34
CA VAL E 81 57.24 12.56 7.66
C VAL E 81 57.54 11.11 7.81
N LEU E 82 58.79 10.82 8.13
CA LEU E 82 59.16 9.42 8.36
C LEU E 82 58.76 9.13 9.79
N THR E 83 57.71 8.33 10.00
CA THR E 83 57.20 8.14 11.36
C THR E 83 57.58 6.85 11.98
N GLY E 84 58.28 5.96 11.21
CA GLY E 84 58.72 4.70 11.81
C GLY E 84 59.45 3.88 10.78
N TYR E 85 60.21 2.86 11.20
CA TYR E 85 60.85 1.98 10.24
C TYR E 85 61.21 0.71 10.97
N GLN E 86 61.46 -0.34 10.21
CA GLN E 86 61.92 -1.63 10.83
C GLN E 86 63.20 -1.98 10.12
N VAL E 87 64.28 -2.21 10.87
CA VAL E 87 65.56 -2.56 10.25
C VAL E 87 65.82 -4.09 10.24
N ASP E 88 66.90 -4.50 9.55
CA ASP E 88 67.27 -5.89 9.43
C ASP E 88 66.21 -6.79 8.88
N LYS E 89 65.53 -6.30 7.85
CA LYS E 89 64.47 -7.12 7.23
C LYS E 89 65.08 -7.96 6.14
N ASN E 90 64.36 -8.98 5.72
CA ASN E 90 64.80 -9.84 4.63
C ASN E 90 64.09 -9.37 3.35
N LYS E 91 64.70 -9.73 2.22
CA LYS E 91 64.16 -9.38 0.98
C LYS E 91 62.71 -9.78 0.84
N ASP E 92 62.38 -11.03 1.23
CA ASP E 92 61.00 -11.51 1.02
C ASP E 92 60.04 -11.28 2.17
N ASP E 93 60.49 -10.60 3.21
CA ASP E 93 59.59 -10.31 4.39
C ASP E 93 58.36 -9.54 3.95
N GLU E 94 57.22 -9.90 4.54
CA GLU E 94 55.97 -9.24 4.25
C GLU E 94 55.93 -7.83 4.77
N LEU E 95 55.33 -6.90 4.02
CA LEU E 95 55.17 -5.56 4.53
C LEU E 95 53.93 -5.59 5.44
N THR E 96 54.12 -5.40 6.73
CA THR E 96 52.93 -5.39 7.67
C THR E 96 52.92 -4.08 8.41
N GLY E 97 51.72 -3.62 8.86
CA GLY E 97 51.64 -2.34 9.55
C GLY E 97 52.36 -2.37 10.89
N PHE E 98 52.85 -1.22 11.29
CA PHE E 98 53.55 -1.07 12.59
C PHE E 98 53.53 0.37 12.98
N MET F 1 9.75 -1.54 -5.18
CA MET F 1 8.57 -0.71 -5.29
C MET F 1 8.06 -0.79 -6.74
N ILE F 2 6.75 -0.89 -6.86
CA ILE F 2 6.12 -0.94 -8.18
C ILE F 2 5.14 0.25 -8.17
N PRO F 3 4.71 0.73 -9.34
CA PRO F 3 3.78 1.86 -9.45
C PRO F 3 2.52 1.49 -8.66
N GLY F 4 2.14 2.40 -7.72
CA GLY F 4 0.91 2.21 -6.93
C GLY F 4 1.13 1.30 -5.73
N GLY F 5 2.36 0.79 -5.56
CA GLY F 5 2.66 -0.11 -4.44
C GLY F 5 2.82 0.65 -3.12
N LEU F 6 2.84 -0.08 -2.01
CA LEU F 6 3.03 0.60 -0.72
C LEU F 6 4.55 0.76 -0.48
N SER F 7 4.92 1.82 0.21
CA SER F 7 6.32 2.07 0.64
C SER F 7 6.69 1.01 1.69
N GLU F 8 7.99 1.05 2.10
CA GLU F 8 8.39 0.17 3.23
C GLU F 8 7.77 0.83 4.48
N ALA F 9 7.75 0.06 5.57
CA ALA F 9 7.20 0.53 6.87
C ALA F 9 8.24 1.40 7.56
N LYS F 10 7.76 2.45 8.22
CA LYS F 10 8.60 3.30 9.04
C LYS F 10 7.92 3.59 10.36
N PRO F 11 8.73 3.92 11.41
CA PRO F 11 8.05 4.21 12.66
C PRO F 11 7.22 5.45 12.55
N ALA F 12 6.10 5.48 13.30
CA ALA F 12 5.24 6.65 13.25
C ALA F 12 5.98 7.91 13.65
N THR F 13 5.60 9.06 13.10
CA THR F 13 6.18 10.36 13.40
C THR F 13 5.08 11.20 13.97
N PRO F 14 5.42 12.38 14.56
CA PRO F 14 4.38 13.24 15.09
C PRO F 14 3.36 13.59 13.98
N GLU F 15 3.82 13.82 12.74
CA GLU F 15 2.88 14.18 11.64
C GLU F 15 1.90 13.02 11.43
N ILE F 16 2.36 11.79 11.58
CA ILE F 16 1.48 10.62 11.42
C ILE F 16 0.49 10.55 12.60
N GLN F 17 0.99 10.82 13.82
CA GLN F 17 0.04 10.84 14.93
C GLN F 17 -0.99 11.94 14.73
N GLU F 18 -0.59 13.09 14.21
CA GLU F 18 -1.55 14.20 13.96
C GLU F 18 -2.59 13.72 12.97
N ILE F 19 -2.19 12.95 11.96
CA ILE F 19 -3.24 12.43 11.01
C ILE F 19 -4.24 11.48 11.74
N VAL F 20 -3.76 10.59 12.58
CA VAL F 20 -4.60 9.69 13.35
C VAL F 20 -5.52 10.51 14.24
N ASP F 21 -4.98 11.51 14.97
CA ASP F 21 -5.86 12.31 15.83
C ASP F 21 -6.98 13.03 15.02
N LYS F 22 -6.66 13.51 13.82
CA LYS F 22 -7.60 14.23 13.00
C LYS F 22 -8.70 13.35 12.48
N VAL F 23 -8.41 12.08 12.19
CA VAL F 23 -9.50 11.23 11.66
C VAL F 23 -10.23 10.42 12.74
N LYS F 24 -9.76 10.49 14.01
CA LYS F 24 -10.41 9.68 15.03
C LYS F 24 -11.98 9.80 15.08
N PRO F 25 -12.52 11.03 14.91
CA PRO F 25 -13.98 11.23 14.91
C PRO F 25 -14.62 10.37 13.81
N GLN F 26 -13.98 10.27 12.63
CA GLN F 26 -14.53 9.33 11.63
C GLN F 26 -14.49 7.83 12.03
N LEU F 27 -13.41 7.39 12.68
CA LEU F 27 -13.28 6.01 13.13
C LEU F 27 -14.37 5.68 14.15
N GLU F 28 -14.65 6.64 15.01
CA GLU F 28 -15.65 6.37 16.10
C GLU F 28 -17.02 6.27 15.47
N GLU F 29 -17.23 7.07 14.41
CA GLU F 29 -18.59 7.06 13.74
C GLU F 29 -18.80 5.74 12.98
N LYS F 30 -17.74 5.36 12.25
CA LYS F 30 -17.88 4.10 11.51
C LYS F 30 -17.91 2.85 12.39
N THR F 31 -17.07 2.77 13.44
CA THR F 31 -17.12 1.54 14.25
C THR F 31 -18.25 1.60 15.28
N ASN F 32 -18.78 2.80 15.49
CA ASN F 32 -19.81 3.04 16.53
C ASN F 32 -19.20 2.75 17.94
N GLU F 33 -17.88 2.79 18.08
CA GLU F 33 -17.24 2.55 19.41
C GLU F 33 -16.37 3.76 19.62
N THR F 34 -15.96 4.03 20.86
CA THR F 34 -15.06 5.15 21.10
C THR F 34 -13.71 4.66 21.48
N TYR F 35 -12.73 5.47 21.15
CA TYR F 35 -11.37 5.12 21.47
C TYR F 35 -10.81 6.32 22.19
N GLY F 36 -10.18 6.10 23.32
CA GLY F 36 -9.55 7.24 23.96
C GLY F 36 -8.35 7.56 23.06
N LYS F 37 -7.13 7.29 23.48
CA LYS F 37 -5.99 7.59 22.57
C LYS F 37 -5.74 6.41 21.58
N LEU F 38 -5.49 6.79 20.36
CA LEU F 38 -5.20 5.83 19.33
C LEU F 38 -3.76 6.26 19.11
N GLU F 39 -2.80 5.40 19.43
CA GLU F 39 -1.37 5.70 19.31
C GLU F 39 -0.81 5.16 17.99
N ALA F 40 -0.24 6.04 17.16
CA ALA F 40 0.30 5.57 15.86
C ALA F 40 1.66 4.91 16.21
N VAL F 41 1.95 3.75 15.60
CA VAL F 41 3.15 2.98 15.85
C VAL F 41 4.05 2.86 14.62
N GLN F 42 3.42 2.58 13.45
CA GLN F 42 4.23 2.33 12.24
C GLN F 42 3.36 2.75 11.08
N TYR F 43 3.95 3.11 9.94
CA TYR F 43 3.09 3.49 8.80
C TYR F 43 3.77 3.18 7.49
N LYS F 44 2.95 3.10 6.43
CA LYS F 44 3.41 2.99 5.02
C LYS F 44 2.64 4.05 4.25
N THR F 45 3.18 4.49 3.09
CA THR F 45 2.42 5.41 2.26
C THR F 45 2.29 4.80 0.86
N GLN F 46 1.26 5.24 0.15
CA GLN F 46 1.03 4.73 -1.23
C GLN F 46 0.57 5.91 -2.04
N VAL F 47 1.13 6.12 -3.23
CA VAL F 47 0.66 7.21 -4.03
C VAL F 47 -0.56 6.74 -4.86
N VAL F 48 -1.67 7.48 -4.83
CA VAL F 48 -2.85 7.15 -5.67
C VAL F 48 -3.18 8.49 -6.30
N ALA F 49 -4.48 8.88 -6.56
CA ALA F 49 -4.82 10.26 -6.93
C ALA F 49 -4.86 11.05 -5.63
N GLY F 50 -3.65 11.19 -5.06
CA GLY F 50 -3.53 11.71 -3.71
C GLY F 50 -2.69 10.71 -3.00
N THR F 51 -2.84 10.60 -1.65
CA THR F 51 -1.94 9.71 -0.90
C THR F 51 -2.70 8.83 0.09
N ASN F 52 -2.45 7.55 0.11
CA ASN F 52 -3.05 6.73 1.17
C ASN F 52 -1.96 6.45 2.26
N TYR F 53 -2.34 6.57 3.55
CA TYR F 53 -1.42 6.21 4.67
C TYR F 53 -1.98 4.98 5.32
N TYR F 54 -1.20 3.92 5.46
CA TYR F 54 -1.61 2.72 6.13
C TYR F 54 -0.88 2.89 7.48
N ILE F 55 -1.66 2.96 8.57
CA ILE F 55 -1.05 3.29 9.88
C ILE F 55 -1.48 2.24 10.91
N LYS F 56 -0.48 1.59 11.54
CA LYS F 56 -0.74 0.65 12.61
C LYS F 56 -0.89 1.51 13.88
N VAL F 57 -2.02 1.35 14.57
CA VAL F 57 -2.32 2.08 15.83
C VAL F 57 -2.67 1.11 16.96
N ARG F 58 -2.22 1.51 18.16
CA ARG F 58 -2.43 0.73 19.35
C ARG F 58 -3.56 1.46 20.08
N ALA F 59 -4.52 0.67 20.59
CA ALA F 59 -5.68 1.24 21.25
C ALA F 59 -5.83 0.61 22.65
N GLY F 60 -6.83 1.10 23.37
CA GLY F 60 -7.20 0.61 24.70
C GLY F 60 -6.47 -0.53 25.32
N ASP F 61 -7.11 -1.66 25.49
CA ASP F 61 -6.42 -2.76 26.12
C ASP F 61 -5.60 -3.50 25.12
N ASN F 62 -4.52 -2.81 24.76
CA ASN F 62 -3.53 -3.20 23.80
C ASN F 62 -3.99 -3.94 22.58
N LYS F 63 -5.10 -3.48 22.01
CA LYS F 63 -5.59 -4.03 20.74
C LYS F 63 -4.90 -3.18 19.68
N TYR F 64 -4.71 -3.70 18.46
CA TYR F 64 -4.10 -2.89 17.39
C TYR F 64 -5.06 -2.87 16.20
N MET F 65 -5.04 -1.76 15.45
CA MET F 65 -5.84 -1.72 14.21
C MET F 65 -4.94 -1.15 13.12
N HIS F 66 -5.27 -1.43 11.85
CA HIS F 66 -4.50 -0.80 10.79
C HIS F 66 -5.48 0.17 10.18
N LEU F 67 -5.14 1.46 10.11
CA LEU F 67 -6.00 2.45 9.53
C LEU F 67 -5.59 2.79 8.10
N LYS F 68 -6.56 3.02 7.21
CA LYS F 68 -6.22 3.53 5.85
C LYS F 68 -6.85 4.92 5.79
N VAL F 69 -5.98 5.92 5.61
CA VAL F 69 -6.36 7.30 5.55
C VAL F 69 -5.96 7.91 4.25
N PHE F 70 -6.97 8.46 3.55
CA PHE F 70 -6.69 9.08 2.24
C PHE F 70 -6.51 10.56 2.46
N LYS F 71 -5.36 11.11 2.00
CA LYS F 71 -5.16 12.57 2.05
C LYS F 71 -5.51 13.05 0.63
N SER F 72 -6.58 13.81 0.54
CA SER F 72 -7.04 14.26 -0.74
C SER F 72 -6.05 15.17 -1.50
N LEU F 73 -6.26 15.34 -2.81
CA LEU F 73 -5.40 16.28 -3.55
C LEU F 73 -5.70 17.75 -3.16
N PRO F 74 -4.78 18.66 -3.39
CA PRO F 74 -4.90 20.07 -3.09
C PRO F 74 -6.22 20.69 -3.49
N GLY F 75 -6.73 20.33 -4.68
CA GLY F 75 -8.07 20.77 -5.16
C GLY F 75 -9.20 20.47 -4.22
N GLN F 76 -8.99 19.46 -3.37
CA GLN F 76 -9.96 19.04 -2.35
C GLN F 76 -9.43 19.41 -0.94
N ASN F 77 -8.56 20.41 -0.90
CA ASN F 77 -8.04 20.97 0.34
C ASN F 77 -7.25 19.97 1.18
N GLU F 78 -6.74 18.92 0.53
CA GLU F 78 -5.99 17.89 1.28
C GLU F 78 -6.82 17.29 2.43
N ASP F 79 -8.16 17.26 2.24
CA ASP F 79 -9.05 16.71 3.29
C ASP F 79 -8.65 15.26 3.61
N LEU F 80 -8.56 14.91 4.92
CA LEU F 80 -8.20 13.59 5.30
C LEU F 80 -9.47 12.80 5.48
N VAL F 81 -9.50 11.63 4.93
CA VAL F 81 -10.70 10.79 4.96
C VAL F 81 -10.32 9.39 5.32
N LEU F 82 -10.99 8.89 6.37
CA LEU F 82 -10.72 7.53 6.80
C LEU F 82 -11.45 6.62 5.88
N THR F 83 -10.76 5.91 5.00
CA THR F 83 -11.45 5.10 4.00
C THR F 83 -11.53 3.63 4.26
N GLY F 84 -10.84 3.16 5.31
CA GLY F 84 -10.91 1.77 5.65
C GLY F 84 -10.06 1.47 6.85
N TYR F 85 -10.29 0.36 7.52
CA TYR F 85 -9.44 -0.02 8.65
C TYR F 85 -9.57 -1.52 8.87
N GLN F 86 -8.58 -2.12 9.51
CA GLN F 86 -8.67 -3.56 9.84
C GLN F 86 -8.57 -3.65 11.35
N VAL F 87 -9.47 -4.36 12.02
CA VAL F 87 -9.39 -4.44 13.48
C VAL F 87 -8.81 -5.78 13.92
N ASP F 88 -8.56 -5.88 15.23
CA ASP F 88 -8.03 -7.07 15.83
C ASP F 88 -6.72 -7.51 15.24
N LYS F 89 -5.85 -6.54 14.98
CA LYS F 89 -4.55 -6.90 14.45
C LYS F 89 -3.57 -7.16 15.62
N ASN F 90 -2.49 -7.82 15.32
CA ASN F 90 -1.44 -8.10 16.33
C ASN F 90 -0.37 -7.03 16.17
N LYS F 91 0.39 -6.82 17.24
CA LYS F 91 1.43 -5.87 17.21
C LYS F 91 2.37 -6.05 16.03
N ASP F 92 2.81 -7.28 15.77
CA ASP F 92 3.78 -7.46 14.72
C ASP F 92 3.21 -7.71 13.33
N ASP F 93 1.89 -7.72 13.18
CA ASP F 93 1.30 -7.93 11.79
C ASP F 93 1.82 -6.94 10.78
N GLU F 94 2.09 -7.46 9.57
CA GLU F 94 2.57 -6.59 8.51
C GLU F 94 1.50 -5.58 8.05
N LEU F 95 1.90 -4.36 7.69
CA LEU F 95 0.94 -3.40 7.12
C LEU F 95 0.82 -3.76 5.63
N THR F 96 -0.34 -4.18 5.18
CA THR F 96 -0.52 -4.54 3.73
C THR F 96 -1.71 -3.80 3.23
N GLY F 97 -1.70 -3.46 1.94
CA GLY F 97 -2.81 -2.71 1.37
C GLY F 97 -4.12 -3.48 1.45
N PHE F 98 -5.18 -2.69 1.48
CA PHE F 98 -6.55 -3.25 1.55
C PHE F 98 -7.52 -2.15 1.15
#